data_9FUQ
#
_entry.id   9FUQ
#
_cell.length_a   1.00
_cell.length_b   1.00
_cell.length_c   1.00
_cell.angle_alpha   90.00
_cell.angle_beta   90.00
_cell.angle_gamma   90.00
#
_symmetry.space_group_name_H-M   'P 1'
#
loop_
_entity.id
_entity.type
_entity.pdbx_description
1 polymer 'ATP-dependent lipid A-core flippase'
2 non-polymer 1,2-Distearoyl-sn-glycerophosphoethanolamine
#
_entity_poly.entity_id   1
_entity_poly.type   'polypeptide(L)'
_entity_poly.pdbx_seq_one_letter_code
;MHNDKDLSTWQTFRRLWPTIAPFKAGLIVAGVALILNAASDTFMLSLLKPLLDDGFGKTDRSVLVWMPLVVIGLMILRGI
TSYVSSYCISWVSGKVVMTMRRRLFGHMMGMPVSFFDKQSTGTLLSRITYDSEQVASSSSGALITVVREGASIIGLFIMM
FYYSWQLSIILIVLAPIVSIAIRVVSKRFRNISKNMQNTMGQVTTSAEQMLKGHKEVLIFGGQEVETKRFDKVSNRMRLQ
GMKMVSASSISDPIIQLIASLALAFVLYAASFPSVMDSLTAGTITVVFSSMIALMRPLKSLTNVNAQFQRGMAACQTLFT
ILDSEQEKDEGKRVIERATGDVEFRNVTFTYPGRDVPALRNINLKIPAGKTVALVGRSGSGKSTIASLITRFYDIDEGEI
LMDGHDLREYTLASLRNQVALVSQNVHLFNDTVANNIAYARTEQYSREQIEEAARMAYAMDFINKMDNGLDTVIGENGVL
LSGGQRQRIAIARALLRDSPILILDEATSALDTESERAIQAALDELQKNRTSLVIAHRLSTIEKADEIVVVEDGVIVERG
THNDLLEHRGVYAQLHKMQFGQ
;
_entity_poly.pdbx_strand_id   A,B
#
loop_
_chem_comp.id
_chem_comp.type
_chem_comp.name
_chem_comp.formula
3PE non-polymer 1,2-Distearoyl-sn-glycerophosphoethanolamine 'C41 H82 N O8 P'
#
# COMPACT_ATOMS: atom_id res chain seq x y z
N THR A 12 -10.90 23.70 12.99
CA THR A 12 -11.10 23.97 14.43
C THR A 12 -10.31 25.22 14.85
N PHE A 13 -10.49 25.65 16.09
CA PHE A 13 -9.75 26.75 16.69
C PHE A 13 -8.74 26.16 17.67
N ARG A 14 -7.52 26.67 17.57
CA ARG A 14 -6.44 26.05 18.36
C ARG A 14 -5.58 27.06 19.12
N ARG A 15 -4.89 26.57 20.12
CA ARG A 15 -3.97 27.32 20.97
C ARG A 15 -2.54 27.23 20.44
N LEU A 16 -2.39 27.15 19.12
CA LEU A 16 -1.09 27.17 18.47
C LEU A 16 -0.57 28.58 18.26
N TRP A 17 -1.46 29.58 18.18
CA TRP A 17 -1.06 30.95 17.89
C TRP A 17 -0.07 31.54 18.88
N PRO A 18 -0.19 31.28 20.20
CA PRO A 18 0.81 31.85 21.13
C PRO A 18 2.25 31.49 20.81
N THR A 19 2.51 30.32 20.22
CA THR A 19 3.86 30.00 19.76
C THR A 19 4.23 30.76 18.51
N ILE A 20 3.27 31.02 17.62
CA ILE A 20 3.56 31.78 16.41
C ILE A 20 3.65 33.27 16.70
N ALA A 21 2.98 33.75 17.75
CA ALA A 21 2.84 35.18 17.99
C ALA A 21 4.17 35.94 18.13
N PRO A 22 5.18 35.43 18.82
CA PRO A 22 6.46 36.16 18.84
C PRO A 22 7.07 36.35 17.47
N PHE A 23 6.91 35.39 16.56
CA PHE A 23 7.51 35.45 15.22
C PHE A 23 6.48 36.01 14.25
N LYS A 24 5.96 37.19 14.59
CA LYS A 24 4.99 37.90 13.76
C LYS A 24 5.66 38.90 12.83
N ALA A 25 6.98 39.01 12.88
CA ALA A 25 7.72 39.90 11.99
C ALA A 25 8.02 39.28 10.64
N GLY A 26 7.91 37.96 10.51
CA GLY A 26 8.10 37.28 9.25
C GLY A 26 6.81 36.95 8.54
N LEU A 27 5.67 37.06 9.23
CA LEU A 27 4.38 36.79 8.64
C LEU A 27 3.72 38.04 8.03
N ILE A 28 4.31 39.22 8.22
CA ILE A 28 3.84 40.46 7.60
C ILE A 28 4.86 41.02 6.62
N VAL A 29 6.01 40.35 6.46
CA VAL A 29 6.91 40.59 5.34
C VAL A 29 6.73 39.55 4.25
N ALA A 30 6.24 38.36 4.58
CA ALA A 30 5.83 37.38 3.59
C ALA A 30 4.40 37.60 3.11
N GLY A 31 3.79 38.73 3.46
CA GLY A 31 2.49 39.13 2.94
C GLY A 31 2.56 40.47 2.22
N VAL A 32 3.60 41.26 2.50
CA VAL A 32 3.82 42.51 1.81
C VAL A 32 4.72 42.25 0.61
N ALA A 33 5.69 41.35 0.78
CA ALA A 33 6.55 40.90 -0.32
C ALA A 33 6.01 39.66 -1.00
N LEU A 34 4.71 39.39 -0.86
CA LEU A 34 4.02 38.31 -1.56
C LEU A 34 2.81 38.79 -2.33
N ILE A 35 2.19 39.90 -1.91
CA ILE A 35 1.22 40.58 -2.76
C ILE A 35 1.90 41.20 -3.97
N LEU A 36 3.10 41.76 -3.80
CA LEU A 36 3.88 42.28 -4.91
C LEU A 36 4.34 41.20 -5.86
N ASN A 37 4.39 39.93 -5.43
CA ASN A 37 4.62 38.84 -6.35
C ASN A 37 3.38 38.50 -7.17
N ALA A 38 2.18 38.89 -6.70
CA ALA A 38 0.95 38.74 -7.46
C ALA A 38 0.55 40.00 -8.20
N ALA A 39 0.94 41.17 -7.71
CA ALA A 39 0.77 42.42 -8.43
C ALA A 39 1.89 42.68 -9.44
N SER A 40 2.87 41.79 -9.52
CA SER A 40 3.92 41.84 -10.55
C SER A 40 3.67 40.83 -11.66
N ASP A 41 2.66 39.98 -11.54
CA ASP A 41 2.18 39.15 -12.64
C ASP A 41 0.96 39.74 -13.33
N THR A 42 0.07 40.36 -12.58
CA THR A 42 -1.04 41.11 -13.14
C THR A 42 -0.58 42.36 -13.87
N PHE A 43 0.58 42.88 -13.54
CA PHE A 43 1.16 44.01 -14.25
C PHE A 43 1.91 43.59 -15.51
N MET A 44 2.18 42.30 -15.70
CA MET A 44 2.85 41.80 -16.89
C MET A 44 1.89 41.36 -17.97
N LEU A 45 0.72 40.82 -17.61
CA LEU A 45 -0.33 40.59 -18.59
C LEU A 45 -0.86 41.89 -19.19
N SER A 46 -0.74 43.00 -18.48
CA SER A 46 -1.15 44.30 -18.99
C SER A 46 -0.21 44.83 -20.06
N LEU A 47 0.96 44.19 -20.26
CA LEU A 47 1.87 44.57 -21.32
C LEU A 47 1.49 44.00 -22.68
N LEU A 48 0.45 43.16 -22.74
CA LEU A 48 -0.11 42.73 -24.00
C LEU A 48 -0.98 43.81 -24.65
N LYS A 49 -1.42 44.79 -23.86
CA LYS A 49 -2.20 45.91 -24.45
C LYS A 49 -1.24 46.78 -25.27
N PRO A 50 -0.16 47.42 -24.72
CA PRO A 50 0.69 48.29 -25.54
C PRO A 50 1.51 47.55 -26.58
N LEU A 51 1.59 46.22 -26.47
CA LEU A 51 2.35 45.41 -27.43
C LEU A 51 1.53 45.05 -28.65
N LEU A 52 0.38 44.40 -28.48
CA LEU A 52 -0.43 43.97 -29.61
C LEU A 52 -1.18 45.12 -30.27
N ASP A 53 -1.48 46.20 -29.54
CA ASP A 53 -2.34 47.24 -30.06
C ASP A 53 -1.48 48.21 -30.85
N ASP A 54 -0.44 48.82 -30.26
CA ASP A 54 0.32 49.87 -30.93
C ASP A 54 1.82 49.60 -30.90
N GLY A 55 2.21 48.33 -30.85
CA GLY A 55 3.61 47.94 -30.84
C GLY A 55 4.00 47.16 -32.08
N PHE A 56 3.04 46.41 -32.63
CA PHE A 56 3.29 45.56 -33.79
C PHE A 56 2.54 46.00 -35.03
N GLY A 57 1.29 46.46 -34.89
CA GLY A 57 0.47 46.78 -36.05
C GLY A 57 1.02 47.90 -36.89
N LYS A 58 1.46 48.99 -36.26
CA LYS A 58 1.89 50.18 -36.97
C LYS A 58 3.42 50.23 -37.05
N THR A 59 3.94 51.33 -37.59
CA THR A 59 5.37 51.56 -37.74
C THR A 59 5.91 52.21 -36.46
N ASP A 60 7.12 52.75 -36.52
CA ASP A 60 7.78 53.36 -35.37
C ASP A 60 7.95 52.33 -34.24
N ARG A 61 8.76 51.32 -34.54
CA ARG A 61 8.93 50.15 -33.67
C ARG A 61 9.76 50.53 -32.45
N SER A 62 9.15 51.35 -31.60
CA SER A 62 9.75 51.77 -30.33
C SER A 62 9.16 51.05 -29.13
N VAL A 63 8.01 50.39 -29.29
CA VAL A 63 7.38 49.64 -28.21
C VAL A 63 7.88 48.20 -28.22
N LEU A 64 8.91 47.91 -29.02
CA LEU A 64 9.60 46.62 -29.00
C LEU A 64 11.06 46.76 -28.60
N VAL A 65 11.58 47.99 -28.52
CA VAL A 65 12.84 48.25 -27.85
C VAL A 65 12.62 48.74 -26.42
N TRP A 66 11.49 49.37 -26.14
CA TRP A 66 11.14 49.77 -24.79
C TRP A 66 10.69 48.60 -23.92
N MET A 67 10.04 47.61 -24.53
CA MET A 67 9.41 46.50 -23.76
C MET A 67 10.35 45.42 -23.19
N PRO A 68 11.46 44.99 -23.83
CA PRO A 68 12.28 43.91 -23.27
C PRO A 68 12.79 44.31 -21.88
N LEU A 69 13.12 45.58 -21.69
CA LEU A 69 13.60 46.08 -20.38
C LEU A 69 12.48 45.97 -19.32
N VAL A 70 11.22 45.81 -19.74
CA VAL A 70 10.14 45.80 -18.76
C VAL A 70 9.65 44.40 -18.46
N VAL A 71 9.84 43.45 -19.39
CA VAL A 71 9.53 42.05 -19.12
C VAL A 71 10.64 41.37 -18.33
N ILE A 72 11.88 41.82 -18.46
CA ILE A 72 12.95 41.36 -17.57
C ILE A 72 12.89 42.09 -16.24
N GLY A 73 12.52 43.37 -16.24
CA GLY A 73 12.39 44.11 -14.99
C GLY A 73 11.28 43.61 -14.12
N LEU A 74 10.26 42.96 -14.69
CA LEU A 74 9.17 42.35 -13.95
C LEU A 74 9.36 40.85 -13.78
N MET A 75 10.53 40.31 -14.14
CA MET A 75 10.90 38.93 -13.85
C MET A 75 12.09 38.83 -12.92
N ILE A 76 12.91 39.87 -12.84
CA ILE A 76 13.88 39.99 -11.74
C ILE A 76 13.20 40.45 -10.46
N LEU A 77 12.16 41.27 -10.57
CA LEU A 77 11.35 41.65 -9.41
C LEU A 77 10.40 40.55 -8.98
N ARG A 78 10.06 39.62 -9.87
CA ARG A 78 9.27 38.45 -9.51
C ARG A 78 10.12 37.32 -8.94
N GLY A 79 11.45 37.40 -9.05
CA GLY A 79 12.34 36.43 -8.44
C GLY A 79 12.81 36.91 -7.09
N ILE A 80 13.25 38.16 -7.02
CA ILE A 80 13.65 38.73 -5.75
C ILE A 80 12.48 38.79 -4.77
N THR A 81 11.26 38.94 -5.27
CA THR A 81 10.07 38.96 -4.43
C THR A 81 9.50 37.55 -4.21
N SER A 82 10.12 36.51 -4.79
CA SER A 82 9.78 35.13 -4.51
C SER A 82 10.81 34.42 -3.64
N TYR A 83 12.04 34.91 -3.57
CA TYR A 83 13.05 34.41 -2.65
C TYR A 83 13.00 35.15 -1.31
N VAL A 84 12.36 36.32 -1.26
CA VAL A 84 12.10 37.00 0.00
C VAL A 84 10.83 36.49 0.68
N SER A 85 9.88 35.93 -0.09
CA SER A 85 8.67 35.35 0.46
C SER A 85 8.82 33.85 0.73
N SER A 86 10.00 33.28 0.50
CA SER A 86 10.30 31.90 0.88
C SER A 86 11.41 31.79 1.90
N TYR A 87 12.02 32.91 2.31
CA TYR A 87 12.95 32.94 3.43
C TYR A 87 12.33 33.59 4.66
N CYS A 88 11.31 34.43 4.49
CA CYS A 88 10.57 35.01 5.60
C CYS A 88 9.36 34.19 5.98
N ILE A 89 9.07 33.10 5.25
CA ILE A 89 8.07 32.12 5.66
C ILE A 89 8.68 30.80 6.05
N SER A 90 9.96 30.55 5.71
CA SER A 90 10.72 29.42 6.21
C SER A 90 11.51 29.75 7.47
N TRP A 91 11.64 31.03 7.81
CA TRP A 91 12.18 31.43 9.11
C TRP A 91 11.13 31.42 10.20
N VAL A 92 9.86 31.59 9.86
CA VAL A 92 8.76 31.49 10.82
C VAL A 92 8.16 30.09 10.85
N SER A 93 8.23 29.35 9.75
CA SER A 93 7.88 27.94 9.74
C SER A 93 9.01 27.04 10.22
N GLY A 94 10.17 27.62 10.55
CA GLY A 94 11.30 26.87 11.08
C GLY A 94 11.62 27.23 12.52
N LYS A 95 11.03 28.31 13.03
CA LYS A 95 11.14 28.68 14.44
C LYS A 95 9.86 28.38 15.22
N VAL A 96 8.82 27.85 14.58
CA VAL A 96 7.68 27.29 15.28
C VAL A 96 7.68 25.77 15.27
N VAL A 97 8.44 25.13 14.36
CA VAL A 97 8.69 23.70 14.40
C VAL A 97 10.07 23.48 15.01
N MET A 98 10.49 24.39 15.89
CA MET A 98 11.69 24.20 16.70
C MET A 98 11.36 24.44 18.16
N THR A 99 10.49 25.42 18.43
CA THR A 99 9.98 25.66 19.76
C THR A 99 8.77 24.79 20.08
N MET A 100 8.36 23.92 19.16
CA MET A 100 7.40 22.85 19.43
C MET A 100 8.04 21.49 19.58
N ARG A 101 9.05 21.17 18.78
CA ARG A 101 9.82 19.95 18.99
C ARG A 101 10.53 19.95 20.32
N ARG A 102 10.97 21.11 20.79
CA ARG A 102 11.59 21.19 22.11
C ARG A 102 10.61 20.81 23.22
N ARG A 103 9.36 21.28 23.13
CA ARG A 103 8.37 20.94 24.14
C ARG A 103 8.03 19.45 24.13
N LEU A 104 7.96 18.83 22.96
CA LEU A 104 7.71 17.39 22.92
C LEU A 104 8.86 16.62 23.53
N PHE A 105 10.10 17.01 23.26
CA PHE A 105 11.26 16.46 23.95
C PHE A 105 11.64 17.32 25.16
N GLY A 106 10.62 17.67 25.93
CA GLY A 106 10.78 18.13 27.30
C GLY A 106 9.67 17.60 28.19
N HIS A 107 8.77 16.79 27.61
CA HIS A 107 7.67 16.15 28.30
C HIS A 107 7.66 14.64 28.10
N MET A 108 8.15 14.16 26.96
CA MET A 108 8.32 12.73 26.75
C MET A 108 9.51 12.16 27.50
N MET A 109 10.41 13.00 28.02
CA MET A 109 11.49 12.57 28.87
C MET A 109 11.10 12.53 30.34
N GLY A 110 9.80 12.62 30.64
CA GLY A 110 9.33 12.56 32.01
C GLY A 110 8.02 11.82 32.17
N MET A 111 7.67 10.98 31.19
CA MET A 111 6.45 10.17 31.25
C MET A 111 6.76 8.81 31.85
N PRO A 112 5.72 8.03 32.16
CA PRO A 112 5.97 6.67 32.67
C PRO A 112 6.70 5.82 31.65
N VAL A 113 7.53 4.91 32.16
CA VAL A 113 8.28 4.01 31.30
C VAL A 113 7.37 3.12 30.48
N SER A 114 6.16 2.84 30.98
CA SER A 114 5.22 2.01 30.25
C SER A 114 4.70 2.68 28.98
N PHE A 115 4.90 3.99 28.82
CA PHE A 115 4.42 4.66 27.63
C PHE A 115 5.31 4.38 26.42
N PHE A 116 6.64 4.32 26.62
CA PHE A 116 7.54 4.14 25.48
C PHE A 116 7.33 2.78 24.83
N ASP A 117 7.34 1.71 25.61
CA ASP A 117 6.75 0.47 25.14
C ASP A 117 5.25 0.68 24.96
N LYS A 118 4.67 -0.06 24.01
CA LYS A 118 3.33 0.13 23.46
C LYS A 118 3.30 1.29 22.45
N GLN A 119 4.43 1.99 22.28
CA GLN A 119 4.50 3.08 21.27
C GLN A 119 5.67 2.81 20.32
N SER A 120 6.86 2.48 20.85
CA SER A 120 8.09 2.16 20.06
C SER A 120 8.89 3.44 19.79
N THR A 121 10.22 3.33 19.71
CA THR A 121 11.08 4.52 19.49
C THR A 121 10.86 5.10 18.09
N GLY A 122 10.75 4.26 17.06
CA GLY A 122 10.62 4.76 15.67
C GLY A 122 9.34 5.53 15.46
N THR A 123 8.18 4.90 15.73
CA THR A 123 6.90 5.59 15.59
C THR A 123 6.81 6.84 16.44
N LEU A 124 7.41 6.84 17.62
CA LEU A 124 7.40 8.02 18.48
C LEU A 124 8.34 9.11 17.99
N LEU A 125 9.30 8.79 17.13
CA LEU A 125 10.14 9.78 16.48
C LEU A 125 9.44 10.40 15.26
N SER A 126 8.35 9.80 14.80
CA SER A 126 7.56 10.36 13.70
C SER A 126 6.64 11.48 14.16
N ARG A 127 6.56 11.73 15.47
CA ARG A 127 5.77 12.82 16.02
C ARG A 127 6.62 14.02 16.42
N ILE A 128 7.92 14.01 16.12
CA ILE A 128 8.76 15.19 16.24
C ILE A 128 9.56 15.48 14.99
N THR A 129 9.44 14.65 13.94
CA THR A 129 10.18 14.81 12.70
C THR A 129 9.28 14.85 11.47
N TYR A 130 8.19 14.06 11.45
CA TYR A 130 7.29 14.00 10.31
C TYR A 130 5.96 14.71 10.60
N ASP A 131 5.23 14.31 11.63
CA ASP A 131 4.00 14.98 12.01
C ASP A 131 4.27 16.07 13.05
N SER A 132 5.27 16.90 12.77
CA SER A 132 5.51 18.15 13.48
C SER A 132 5.87 19.29 12.56
N GLU A 133 6.35 19.02 11.35
CA GLU A 133 6.46 20.00 10.28
C GLU A 133 5.22 20.01 9.39
N GLN A 134 4.32 19.04 9.54
CA GLN A 134 3.03 19.07 8.89
C GLN A 134 2.10 20.10 9.50
N VAL A 135 2.41 20.60 10.70
CA VAL A 135 1.67 21.72 11.28
C VAL A 135 2.13 23.06 10.73
N ALA A 136 3.27 23.10 10.03
CA ALA A 136 3.79 24.32 9.42
C ALA A 136 4.09 24.14 7.93
N SER A 137 3.91 22.92 7.40
CA SER A 137 3.97 22.69 5.95
C SER A 137 2.60 22.64 5.30
N SER A 138 1.52 22.60 6.08
CA SER A 138 0.16 22.69 5.57
C SER A 138 -0.66 23.70 6.37
N SER A 139 0.01 24.61 7.07
CA SER A 139 -0.64 25.78 7.66
C SER A 139 -0.01 27.08 7.22
N SER A 140 1.24 27.07 6.76
CA SER A 140 1.82 28.16 6.00
C SER A 140 1.68 27.97 4.50
N GLY A 141 1.39 26.73 4.06
CA GLY A 141 0.99 26.48 2.69
C GLY A 141 -0.46 26.81 2.40
N ALA A 142 -1.25 27.08 3.44
CA ALA A 142 -2.59 27.64 3.30
C ALA A 142 -2.61 29.09 3.77
N LEU A 143 -1.47 29.78 3.68
CA LEU A 143 -1.38 31.22 3.88
C LEU A 143 -0.64 31.93 2.75
N ILE A 144 0.19 31.24 1.99
CA ILE A 144 0.69 31.74 0.72
C ILE A 144 -0.19 31.26 -0.43
N THR A 145 -1.41 30.79 -0.14
CA THR A 145 -2.42 30.47 -1.13
C THR A 145 -3.68 31.30 -0.98
N VAL A 146 -3.97 31.83 0.21
CA VAL A 146 -5.08 32.75 0.43
C VAL A 146 -4.62 34.21 0.45
N VAL A 147 -3.32 34.46 0.29
CA VAL A 147 -2.79 35.82 0.24
C VAL A 147 -2.14 36.07 -1.12
N ARG A 148 -1.59 35.01 -1.73
CA ARG A 148 -0.99 35.16 -3.06
C ARG A 148 -2.05 34.97 -4.14
N GLU A 149 -2.74 33.83 -4.12
CA GLU A 149 -3.79 33.53 -5.08
C GLU A 149 -5.14 34.07 -4.66
N GLY A 150 -5.21 34.75 -3.51
CA GLY A 150 -6.31 35.62 -3.18
C GLY A 150 -6.04 37.08 -3.46
N ALA A 151 -4.86 37.43 -3.98
CA ALA A 151 -4.53 38.79 -4.39
C ALA A 151 -4.33 38.91 -5.90
N SER A 152 -4.20 37.79 -6.62
CA SER A 152 -4.22 37.78 -8.07
C SER A 152 -5.65 37.68 -8.61
N ILE A 153 -6.63 37.40 -7.76
CA ILE A 153 -8.03 37.48 -8.14
C ILE A 153 -8.60 38.88 -7.94
N ILE A 154 -8.12 39.63 -6.95
CA ILE A 154 -8.46 41.04 -6.82
C ILE A 154 -7.50 41.91 -7.63
N GLY A 155 -6.62 41.30 -8.43
CA GLY A 155 -5.75 42.01 -9.34
C GLY A 155 -6.21 41.83 -10.77
N LEU A 156 -6.71 40.64 -11.09
CA LEU A 156 -7.26 40.35 -12.40
C LEU A 156 -8.74 40.72 -12.52
N PHE A 157 -9.36 41.20 -11.45
CA PHE A 157 -10.71 41.73 -11.51
C PHE A 157 -10.75 43.24 -11.70
N ILE A 158 -9.74 43.97 -11.24
CA ILE A 158 -9.64 45.41 -11.46
C ILE A 158 -8.77 45.72 -12.68
N MET A 159 -8.14 44.71 -13.27
CA MET A 159 -7.56 44.83 -14.61
C MET A 159 -8.55 44.47 -15.70
N MET A 160 -9.48 43.56 -15.46
CA MET A 160 -10.54 43.25 -16.40
C MET A 160 -11.56 44.36 -16.52
N PHE A 161 -12.04 44.89 -15.39
CA PHE A 161 -13.03 45.96 -15.40
C PHE A 161 -12.45 47.30 -15.80
N TYR A 162 -11.17 47.54 -15.52
CA TYR A 162 -10.56 48.81 -15.89
C TYR A 162 -10.51 48.99 -17.41
N TYR A 163 -10.25 47.90 -18.14
CA TYR A 163 -10.07 48.02 -19.58
C TYR A 163 -11.41 48.13 -20.31
N SER A 164 -12.36 47.23 -20.01
CA SER A 164 -13.65 47.26 -20.70
C SER A 164 -14.67 46.62 -19.77
N TRP A 165 -15.49 47.45 -19.11
CA TRP A 165 -16.55 46.91 -18.27
C TRP A 165 -17.67 46.30 -19.10
N GLN A 166 -17.79 46.69 -20.38
CA GLN A 166 -18.85 46.15 -21.22
C GLN A 166 -18.66 44.66 -21.44
N LEU A 167 -17.44 44.26 -21.82
CA LEU A 167 -17.15 42.86 -22.09
C LEU A 167 -16.82 42.08 -20.82
N SER A 168 -16.33 42.74 -19.78
CA SER A 168 -15.92 42.06 -18.57
C SER A 168 -17.06 41.79 -17.60
N ILE A 169 -18.22 42.41 -17.79
CA ILE A 169 -19.41 42.10 -16.99
C ILE A 169 -20.27 41.02 -17.62
N ILE A 170 -20.09 40.75 -18.91
CA ILE A 170 -20.75 39.62 -19.57
C ILE A 170 -20.02 38.34 -19.19
N LEU A 171 -18.74 38.44 -18.82
CA LEU A 171 -17.94 37.28 -18.47
C LEU A 171 -18.07 36.87 -17.01
N ILE A 172 -18.95 37.51 -16.24
CA ILE A 172 -19.35 37.03 -14.92
C ILE A 172 -20.86 36.87 -14.81
N VAL A 173 -21.56 36.86 -15.94
CA VAL A 173 -22.98 36.51 -15.99
C VAL A 173 -23.12 35.20 -16.76
N LEU A 174 -22.20 34.95 -17.71
CA LEU A 174 -22.11 33.67 -18.40
C LEU A 174 -21.13 32.71 -17.74
N ALA A 175 -20.23 33.20 -16.90
CA ALA A 175 -19.34 32.30 -16.17
C ALA A 175 -20.08 31.36 -15.23
N PRO A 176 -21.00 31.83 -14.38
CA PRO A 176 -21.72 30.86 -13.52
C PRO A 176 -22.75 30.05 -14.28
N ILE A 177 -23.44 30.64 -15.25
CA ILE A 177 -24.44 29.90 -16.01
C ILE A 177 -23.77 28.78 -16.80
N VAL A 178 -22.58 29.04 -17.35
CA VAL A 178 -21.83 27.99 -18.02
C VAL A 178 -21.30 26.97 -17.02
N SER A 179 -20.98 27.41 -15.80
CA SER A 179 -20.38 26.53 -14.82
C SER A 179 -21.37 25.61 -14.11
N ILE A 180 -22.67 25.91 -14.19
CA ILE A 180 -23.71 25.01 -13.68
C ILE A 180 -24.27 24.10 -14.76
N ALA A 181 -24.28 24.54 -16.02
CA ALA A 181 -24.66 23.66 -17.11
C ALA A 181 -23.57 22.66 -17.46
N ILE A 182 -22.34 22.87 -16.98
CA ILE A 182 -21.29 21.88 -17.14
C ILE A 182 -21.34 20.83 -16.02
N ARG A 183 -21.84 21.19 -14.85
CA ARG A 183 -21.91 20.25 -13.74
C ARG A 183 -23.14 19.36 -13.80
N VAL A 184 -24.32 19.92 -14.09
CA VAL A 184 -25.53 19.10 -14.22
C VAL A 184 -25.54 18.26 -15.49
N VAL A 185 -24.64 18.54 -16.45
CA VAL A 185 -24.50 17.71 -17.63
C VAL A 185 -23.41 16.67 -17.37
N SER A 186 -22.37 17.07 -16.64
CA SER A 186 -21.32 16.13 -16.25
C SER A 186 -21.74 15.22 -15.11
N LYS A 187 -22.82 15.54 -14.40
CA LYS A 187 -23.33 14.69 -13.34
C LYS A 187 -24.29 13.63 -13.86
N ARG A 188 -25.11 13.94 -14.85
CA ARG A 188 -26.02 12.94 -15.40
C ARG A 188 -25.30 11.86 -16.20
N PHE A 189 -24.11 12.15 -16.71
CA PHE A 189 -23.26 11.13 -17.34
C PHE A 189 -22.31 10.48 -16.35
N ARG A 190 -22.42 10.81 -15.05
CA ARG A 190 -21.64 10.16 -14.01
C ARG A 190 -22.43 9.14 -13.20
N ASN A 191 -23.76 9.29 -13.15
CA ASN A 191 -24.63 8.24 -12.62
C ASN A 191 -25.14 7.28 -13.69
N ILE A 192 -25.00 7.64 -14.97
CA ILE A 192 -25.32 6.70 -16.04
C ILE A 192 -24.15 5.75 -16.30
N SER A 193 -22.92 6.25 -16.30
CA SER A 193 -21.75 5.38 -16.43
C SER A 193 -21.50 4.57 -15.17
N LYS A 194 -22.15 4.91 -14.06
CA LYS A 194 -22.08 4.14 -12.81
C LYS A 194 -23.22 3.15 -12.69
N ASN A 195 -24.39 3.46 -13.26
CA ASN A 195 -25.50 2.51 -13.24
C ASN A 195 -25.15 1.25 -14.03
N MET A 196 -24.65 1.41 -15.25
CA MET A 196 -24.26 0.28 -16.07
C MET A 196 -22.92 -0.31 -15.65
N GLN A 197 -22.19 0.34 -14.75
CA GLN A 197 -21.00 -0.27 -14.19
C GLN A 197 -21.35 -1.46 -13.30
N ASN A 198 -22.43 -1.36 -12.52
CA ASN A 198 -22.90 -2.49 -11.71
C ASN A 198 -23.53 -3.58 -12.56
N THR A 199 -24.05 -3.26 -13.74
CA THR A 199 -24.53 -4.29 -14.65
C THR A 199 -23.40 -5.16 -15.16
N MET A 200 -22.21 -4.59 -15.37
CA MET A 200 -21.05 -5.38 -15.76
C MET A 200 -20.54 -6.25 -14.61
N GLY A 201 -20.88 -5.92 -13.36
CA GLY A 201 -20.54 -6.78 -12.25
C GLY A 201 -21.37 -8.04 -12.16
N GLN A 202 -22.54 -8.06 -12.79
CA GLN A 202 -23.37 -9.25 -12.84
C GLN A 202 -22.97 -10.22 -13.94
N VAL A 203 -22.05 -9.84 -14.82
CA VAL A 203 -21.48 -10.75 -15.81
C VAL A 203 -20.03 -11.09 -15.54
N THR A 204 -19.27 -10.22 -14.88
CA THR A 204 -17.93 -10.60 -14.44
C THR A 204 -18.00 -11.75 -13.44
N THR A 205 -18.96 -11.69 -12.52
CA THR A 205 -19.15 -12.79 -11.57
C THR A 205 -19.70 -14.03 -12.26
N SER A 206 -20.49 -13.86 -13.32
CA SER A 206 -20.98 -15.02 -14.06
C SER A 206 -19.85 -15.80 -14.72
N ALA A 207 -18.75 -15.14 -15.04
CA ALA A 207 -17.55 -15.86 -15.49
C ALA A 207 -16.83 -16.53 -14.34
N GLU A 208 -16.88 -15.94 -13.14
CA GLU A 208 -16.26 -16.53 -11.97
C GLU A 208 -16.96 -17.79 -11.51
N GLN A 209 -18.26 -17.93 -11.79
CA GLN A 209 -19.03 -19.09 -11.37
C GLN A 209 -18.90 -20.27 -12.32
N MET A 210 -17.90 -20.25 -13.22
CA MET A 210 -17.57 -21.40 -14.05
C MET A 210 -16.09 -21.75 -14.03
N LEU A 211 -15.23 -20.86 -13.55
CA LEU A 211 -13.83 -21.20 -13.28
C LEU A 211 -13.65 -21.91 -11.94
N LYS A 212 -14.64 -21.83 -11.04
CA LYS A 212 -14.53 -22.50 -9.75
C LYS A 212 -14.72 -24.00 -9.85
N GLY A 213 -15.71 -24.45 -10.62
CA GLY A 213 -16.01 -25.86 -10.72
C GLY A 213 -15.22 -26.56 -11.80
N HIS A 214 -13.90 -26.35 -11.81
CA HIS A 214 -13.06 -26.97 -12.83
C HIS A 214 -13.12 -28.49 -12.73
N LYS A 215 -13.07 -29.02 -11.51
CA LYS A 215 -13.08 -30.46 -11.33
C LYS A 215 -14.38 -31.09 -11.85
N GLU A 216 -15.50 -30.37 -11.77
CA GLU A 216 -16.74 -30.84 -12.36
C GLU A 216 -16.78 -30.62 -13.87
N VAL A 217 -16.02 -29.67 -14.40
CA VAL A 217 -15.99 -29.49 -15.85
C VAL A 217 -15.32 -30.69 -16.52
N LEU A 218 -14.31 -31.27 -15.89
CA LEU A 218 -13.55 -32.36 -16.47
C LEU A 218 -14.23 -33.72 -16.28
N ILE A 219 -14.62 -34.04 -15.05
CA ILE A 219 -15.03 -35.41 -14.73
C ILE A 219 -16.30 -35.79 -15.49
N PHE A 220 -17.22 -34.85 -15.69
CA PHE A 220 -18.48 -35.15 -16.34
C PHE A 220 -18.41 -35.11 -17.85
N GLY A 221 -17.23 -34.87 -18.43
CA GLY A 221 -17.06 -34.91 -19.86
C GLY A 221 -17.42 -33.65 -20.59
N GLY A 222 -17.92 -32.63 -19.89
CA GLY A 222 -18.31 -31.40 -20.54
C GLY A 222 -17.16 -30.42 -20.67
N GLN A 223 -16.54 -30.39 -21.85
CA GLN A 223 -15.52 -29.40 -22.18
C GLN A 223 -15.88 -28.55 -23.38
N GLU A 224 -16.61 -29.11 -24.35
CA GLU A 224 -17.10 -28.34 -25.49
C GLU A 224 -18.44 -27.67 -25.21
N VAL A 225 -19.08 -27.99 -24.09
CA VAL A 225 -20.28 -27.30 -23.66
C VAL A 225 -19.97 -26.11 -22.76
N GLU A 226 -18.94 -26.20 -21.92
CA GLU A 226 -18.55 -25.07 -21.09
C GLU A 226 -17.84 -23.98 -21.87
N THR A 227 -17.23 -24.31 -23.01
CA THR A 227 -16.59 -23.32 -23.87
C THR A 227 -17.57 -22.59 -24.77
N LYS A 228 -18.69 -23.22 -25.11
CA LYS A 228 -19.76 -22.57 -25.86
C LYS A 228 -20.62 -21.67 -24.98
N ARG A 229 -20.39 -21.67 -23.66
CA ARG A 229 -21.02 -20.71 -22.76
C ARG A 229 -20.14 -19.51 -22.48
N PHE A 230 -18.82 -19.63 -22.65
CA PHE A 230 -17.95 -18.46 -22.63
C PHE A 230 -17.86 -17.77 -23.99
N ASP A 231 -18.38 -18.40 -25.05
CA ASP A 231 -18.66 -17.69 -26.29
C ASP A 231 -19.91 -16.85 -26.21
N LYS A 232 -20.68 -16.94 -25.12
CA LYS A 232 -21.91 -16.20 -24.94
C LYS A 232 -21.88 -15.23 -23.78
N VAL A 233 -21.04 -15.45 -22.76
CA VAL A 233 -20.90 -14.53 -21.63
C VAL A 233 -19.67 -13.66 -21.75
N SER A 234 -18.78 -13.93 -22.70
CA SER A 234 -17.72 -13.01 -23.07
C SER A 234 -18.16 -12.04 -24.16
N ASN A 235 -19.11 -12.45 -24.99
CA ASN A 235 -19.75 -11.55 -25.94
C ASN A 235 -20.73 -10.61 -25.26
N ARG A 236 -21.06 -10.87 -23.99
CA ARG A 236 -22.00 -10.03 -23.25
C ARG A 236 -21.31 -8.98 -22.40
N MET A 237 -20.07 -9.20 -21.97
CA MET A 237 -19.28 -8.17 -21.30
C MET A 237 -18.41 -7.41 -22.28
N ARG A 238 -18.45 -7.75 -23.57
CA ARG A 238 -17.87 -6.88 -24.60
C ARG A 238 -18.86 -5.81 -25.02
N LEU A 239 -20.08 -6.22 -25.41
CA LEU A 239 -21.14 -5.27 -25.71
C LEU A 239 -21.47 -4.40 -24.51
N GLN A 240 -21.43 -4.95 -23.31
CA GLN A 240 -21.60 -4.14 -22.10
C GLN A 240 -20.39 -3.27 -21.81
N GLY A 241 -19.20 -3.70 -22.20
CA GLY A 241 -18.04 -2.84 -22.09
C GLY A 241 -17.94 -1.79 -23.18
N MET A 242 -18.60 -2.02 -24.31
CA MET A 242 -18.67 -1.05 -25.39
C MET A 242 -19.79 -0.03 -25.20
N LYS A 243 -20.67 -0.23 -24.21
CA LYS A 243 -21.70 0.74 -23.89
C LYS A 243 -21.26 1.76 -22.85
N MET A 244 -20.39 1.37 -21.91
CA MET A 244 -19.88 2.29 -20.90
C MET A 244 -18.72 3.15 -21.41
N VAL A 245 -18.25 2.91 -22.63
CA VAL A 245 -17.29 3.79 -23.29
C VAL A 245 -17.98 4.74 -24.26
N SER A 246 -19.18 4.40 -24.74
CA SER A 246 -19.99 5.31 -25.53
C SER A 246 -20.80 6.26 -24.66
N ALA A 247 -20.95 5.98 -23.37
CA ALA A 247 -21.51 6.92 -22.42
C ALA A 247 -20.45 7.78 -21.74
N SER A 248 -19.17 7.53 -22.02
CA SER A 248 -18.07 8.36 -21.56
C SER A 248 -17.47 9.23 -22.65
N SER A 249 -17.48 8.76 -23.89
CA SER A 249 -17.05 9.55 -25.03
C SER A 249 -18.15 10.48 -25.54
N ILE A 250 -19.36 10.40 -24.98
CA ILE A 250 -20.38 11.43 -25.14
C ILE A 250 -20.39 12.39 -23.96
N SER A 251 -19.73 12.05 -22.85
CA SER A 251 -19.68 12.96 -21.71
C SER A 251 -18.88 14.22 -21.99
N ASP A 252 -17.89 14.14 -22.89
CA ASP A 252 -16.97 15.30 -23.09
C ASP A 252 -17.39 16.22 -24.24
N PRO A 253 -17.62 15.76 -25.48
CA PRO A 253 -17.92 16.66 -26.61
C PRO A 253 -19.00 17.70 -26.28
N ILE A 254 -19.87 17.40 -25.30
CA ILE A 254 -20.97 18.31 -25.00
C ILE A 254 -20.83 18.91 -23.60
N ILE A 255 -19.59 19.07 -23.13
CA ILE A 255 -19.25 20.11 -22.17
C ILE A 255 -18.19 21.04 -22.73
N GLN A 256 -17.61 20.72 -23.89
CA GLN A 256 -16.89 21.67 -24.71
C GLN A 256 -17.81 22.43 -25.65
N LEU A 257 -18.86 21.81 -26.17
CA LEU A 257 -19.85 22.53 -26.95
C LEU A 257 -20.67 23.48 -26.09
N ILE A 258 -20.92 23.14 -24.83
CA ILE A 258 -21.60 24.07 -23.94
C ILE A 258 -20.69 25.24 -23.62
N ALA A 259 -19.39 24.99 -23.46
CA ALA A 259 -18.40 26.04 -23.22
C ALA A 259 -18.02 26.77 -24.51
N SER A 260 -18.25 26.16 -25.67
CA SER A 260 -18.04 26.83 -26.94
C SER A 260 -19.16 27.81 -27.28
N LEU A 261 -20.40 27.52 -26.88
CA LEU A 261 -21.45 28.51 -27.00
C LEU A 261 -21.20 29.72 -26.10
N ALA A 262 -20.48 29.53 -25.00
CA ALA A 262 -20.05 30.68 -24.21
C ALA A 262 -19.14 31.59 -25.02
N LEU A 263 -18.21 31.01 -25.78
CA LEU A 263 -17.41 31.76 -26.75
C LEU A 263 -18.06 31.73 -28.13
N ALA A 264 -19.37 31.96 -28.15
CA ALA A 264 -20.09 32.32 -29.36
C ALA A 264 -21.17 33.35 -29.11
N PHE A 265 -21.33 33.82 -27.87
CA PHE A 265 -22.21 34.92 -27.52
C PHE A 265 -21.43 36.16 -27.08
N VAL A 266 -20.26 35.97 -26.47
CA VAL A 266 -19.40 37.10 -26.17
C VAL A 266 -18.92 37.76 -27.45
N LEU A 267 -18.49 36.96 -28.43
CA LEU A 267 -18.14 37.52 -29.73
C LEU A 267 -19.35 38.12 -30.42
N TYR A 268 -20.50 37.44 -30.34
CA TYR A 268 -21.72 38.01 -30.90
C TYR A 268 -22.12 39.27 -30.16
N ALA A 269 -21.98 39.26 -28.83
CA ALA A 269 -22.39 40.43 -28.04
C ALA A 269 -21.56 41.65 -28.40
N ALA A 270 -20.27 41.46 -28.66
CA ALA A 270 -19.37 42.57 -28.97
C ALA A 270 -19.37 42.92 -30.45
N SER A 271 -20.57 43.04 -31.03
CA SER A 271 -20.76 43.57 -32.38
C SER A 271 -21.85 44.61 -32.45
N PHE A 272 -22.78 44.66 -31.50
CA PHE A 272 -23.75 45.73 -31.44
C PHE A 272 -23.06 47.03 -31.02
N PRO A 273 -23.58 48.19 -31.43
CA PRO A 273 -22.79 49.43 -31.34
C PRO A 273 -22.50 49.86 -29.91
N SER A 274 -23.51 49.87 -29.04
CA SER A 274 -23.35 50.38 -27.69
C SER A 274 -22.37 49.56 -26.85
N VAL A 275 -22.38 48.23 -27.00
CA VAL A 275 -21.60 47.35 -26.14
C VAL A 275 -20.25 46.98 -26.77
N MET A 276 -19.81 47.69 -27.81
CA MET A 276 -18.54 47.45 -28.47
C MET A 276 -17.60 48.63 -28.36
N ASP A 277 -18.06 49.83 -28.73
CA ASP A 277 -17.20 51.00 -28.84
C ASP A 277 -16.05 50.68 -29.81
N SER A 278 -14.82 50.53 -29.31
CA SER A 278 -13.71 50.05 -30.13
C SER A 278 -12.77 49.27 -29.20
N LEU A 279 -12.93 47.96 -29.18
CA LEU A 279 -12.16 47.12 -28.27
C LEU A 279 -10.77 46.76 -28.81
N THR A 280 -10.42 47.19 -30.02
CA THR A 280 -9.05 47.13 -30.54
C THR A 280 -8.47 45.72 -30.56
N ALA A 281 -7.21 45.59 -30.94
CA ALA A 281 -6.51 44.32 -30.90
C ALA A 281 -6.02 43.96 -29.51
N GLY A 282 -5.42 44.91 -28.79
CA GLY A 282 -5.34 44.86 -27.34
C GLY A 282 -6.68 45.20 -26.74
N THR A 283 -6.81 44.97 -25.43
CA THR A 283 -8.06 45.13 -24.70
C THR A 283 -9.05 44.02 -25.02
N ILE A 284 -8.66 43.04 -25.83
CA ILE A 284 -9.39 41.79 -25.97
C ILE A 284 -8.49 40.57 -25.77
N THR A 285 -7.18 40.70 -25.99
CA THR A 285 -6.21 39.70 -25.56
C THR A 285 -5.74 39.93 -24.14
N VAL A 286 -6.18 41.00 -23.49
CA VAL A 286 -5.95 41.24 -22.06
C VAL A 286 -7.18 40.96 -21.22
N VAL A 287 -8.38 40.96 -21.82
CA VAL A 287 -9.60 40.62 -21.12
C VAL A 287 -9.94 39.14 -21.25
N PHE A 288 -9.49 38.46 -22.31
CA PHE A 288 -9.66 37.02 -22.44
C PHE A 288 -8.48 36.23 -21.90
N SER A 289 -7.24 36.71 -22.11
CA SER A 289 -6.10 36.05 -21.50
C SER A 289 -6.12 36.18 -19.99
N SER A 290 -6.72 37.26 -19.47
CA SER A 290 -6.89 37.39 -18.04
C SER A 290 -7.94 36.41 -17.50
N MET A 291 -8.88 35.99 -18.34
CA MET A 291 -9.95 35.10 -17.92
C MET A 291 -9.54 33.63 -17.90
N ILE A 292 -8.42 33.28 -18.53
CA ILE A 292 -7.85 31.94 -18.39
C ILE A 292 -6.73 31.89 -17.35
N ALA A 293 -6.09 33.01 -17.04
CA ALA A 293 -5.18 33.11 -15.91
C ALA A 293 -5.91 33.30 -14.59
N LEU A 294 -7.20 33.61 -14.63
CA LEU A 294 -8.02 33.78 -13.44
C LEU A 294 -8.58 32.46 -12.91
N MET A 295 -8.46 31.38 -13.68
CA MET A 295 -9.02 30.09 -13.29
C MET A 295 -8.01 29.16 -12.64
N ARG A 296 -6.73 29.51 -12.62
CA ARG A 296 -5.77 28.73 -11.83
C ARG A 296 -5.82 29.16 -10.37
N PRO A 297 -5.90 30.46 -10.03
CA PRO A 297 -6.16 30.81 -8.62
C PRO A 297 -7.47 30.29 -8.08
N LEU A 298 -8.52 30.20 -8.89
CA LEU A 298 -9.83 29.80 -8.39
C LEU A 298 -9.96 28.30 -8.17
N LYS A 299 -9.08 27.49 -8.75
CA LYS A 299 -9.02 26.06 -8.49
C LYS A 299 -7.97 25.70 -7.44
N SER A 300 -7.36 26.70 -6.79
CA SER A 300 -6.47 26.48 -5.66
C SER A 300 -6.87 27.26 -4.42
N LEU A 301 -7.82 28.19 -4.52
CA LEU A 301 -8.40 28.84 -3.36
C LEU A 301 -9.54 28.03 -2.75
N THR A 302 -10.00 26.98 -3.42
CA THR A 302 -10.99 26.07 -2.84
C THR A 302 -10.37 25.13 -1.82
N ASN A 303 -9.14 24.66 -2.07
CA ASN A 303 -8.43 23.76 -1.17
C ASN A 303 -7.62 24.53 -0.13
N VAL A 304 -8.28 25.44 0.57
CA VAL A 304 -7.67 26.24 1.63
C VAL A 304 -8.25 25.86 3.00
N ASN A 305 -9.42 25.19 3.01
CA ASN A 305 -9.93 24.53 4.21
C ASN A 305 -9.80 23.02 4.10
N ALA A 306 -9.43 22.48 2.94
CA ALA A 306 -9.04 21.07 2.83
C ALA A 306 -7.55 20.87 3.00
N GLN A 307 -6.79 21.96 3.18
CA GLN A 307 -5.37 21.87 3.54
C GLN A 307 -5.11 22.47 4.91
N PHE A 308 -5.96 23.37 5.40
CA PHE A 308 -5.85 23.90 6.75
C PHE A 308 -6.45 22.96 7.78
N GLN A 309 -7.30 22.03 7.33
CA GLN A 309 -7.76 20.95 8.20
C GLN A 309 -6.92 19.68 8.05
N ARG A 310 -5.91 19.67 7.17
CA ARG A 310 -4.95 18.58 7.08
C ARG A 310 -3.64 18.92 7.77
N GLY A 311 -3.42 20.19 8.11
CA GLY A 311 -2.25 20.59 8.85
C GLY A 311 -2.59 20.85 10.30
N MET A 312 -3.73 21.48 10.56
CA MET A 312 -4.16 21.76 11.91
C MET A 312 -4.89 20.59 12.55
N ALA A 313 -5.20 19.53 11.79
CA ALA A 313 -5.65 18.27 12.36
C ALA A 313 -4.49 17.42 12.82
N ALA A 314 -3.29 17.65 12.29
CA ALA A 314 -2.07 17.03 12.80
C ALA A 314 -1.48 17.81 13.95
N CYS A 315 -2.10 18.93 14.34
CA CYS A 315 -1.76 19.65 15.57
C CYS A 315 -2.62 19.19 16.75
N GLN A 316 -3.35 18.08 16.60
CA GLN A 316 -4.07 17.46 17.70
C GLN A 316 -3.45 16.13 18.08
N THR A 317 -2.85 15.41 17.13
CA THR A 317 -2.19 14.15 17.43
C THR A 317 -0.91 14.38 18.24
N LEU A 318 -0.35 15.60 18.17
CA LEU A 318 0.80 15.96 18.99
C LEU A 318 0.46 16.85 20.16
N PHE A 319 -0.71 17.51 20.18
CA PHE A 319 -1.18 18.18 21.38
C PHE A 319 -1.82 17.21 22.36
N THR A 320 -2.16 16.00 21.92
CA THR A 320 -2.52 14.95 22.86
C THR A 320 -1.29 14.47 23.63
N ILE A 321 -0.18 14.26 22.93
CA ILE A 321 1.06 13.87 23.57
C ILE A 321 1.55 14.96 24.50
N LEU A 322 1.33 16.22 24.14
CA LEU A 322 1.82 17.35 24.93
C LEU A 322 1.00 17.55 26.20
N ASP A 323 -0.20 16.96 26.29
CA ASP A 323 -1.09 17.15 27.43
C ASP A 323 -1.41 15.83 28.14
N SER A 324 -0.59 14.80 27.94
CA SER A 324 -0.82 13.53 28.61
C SER A 324 -0.32 13.60 30.06
N GLU A 325 -0.65 12.56 30.83
CA GLU A 325 -0.26 12.49 32.23
C GLU A 325 1.19 12.07 32.35
N GLN A 326 1.96 12.80 33.14
CA GLN A 326 3.35 12.46 33.41
C GLN A 326 3.40 11.45 34.56
N GLU A 327 4.59 11.18 35.07
CA GLU A 327 4.74 10.20 36.14
C GLU A 327 4.13 10.73 37.44
N LYS A 328 3.81 9.80 38.33
CA LYS A 328 3.24 10.12 39.63
C LYS A 328 4.37 10.56 40.55
N ASP A 329 4.36 11.84 40.93
CA ASP A 329 5.45 12.46 41.68
C ASP A 329 5.05 12.72 43.13
N GLU A 330 4.35 11.77 43.75
CA GLU A 330 3.92 11.90 45.13
C GLU A 330 5.13 11.65 46.02
N GLY A 331 5.80 12.73 46.42
CA GLY A 331 7.02 12.65 47.22
C GLY A 331 6.76 13.09 48.65
N LYS A 332 7.46 12.44 49.58
CA LYS A 332 7.35 12.74 51.02
C LYS A 332 8.64 13.30 51.59
N ARG A 333 9.76 12.60 51.43
CA ARG A 333 10.99 12.92 52.14
C ARG A 333 12.19 12.64 51.24
N VAL A 334 13.31 13.26 51.60
CA VAL A 334 14.57 13.09 50.89
C VAL A 334 15.40 12.03 51.62
N ILE A 335 15.88 11.04 50.87
CA ILE A 335 16.71 9.97 51.40
C ILE A 335 18.14 10.23 50.94
N GLU A 336 19.01 10.57 51.88
CA GLU A 336 20.41 10.85 51.53
C GLU A 336 21.11 9.59 51.06
N ARG A 337 21.01 8.51 51.83
CA ARG A 337 21.61 7.23 51.48
C ARG A 337 20.76 6.12 52.08
N ALA A 338 20.47 5.10 51.28
CA ALA A 338 19.62 3.99 51.72
C ALA A 338 20.46 3.01 52.55
N THR A 339 20.80 3.45 53.76
CA THR A 339 21.58 2.63 54.70
C THR A 339 20.63 1.70 55.44
N GLY A 340 20.07 0.74 54.70
CA GLY A 340 19.14 -0.20 55.25
C GLY A 340 18.95 -1.42 54.36
N ASP A 341 17.71 -1.91 54.27
CA ASP A 341 17.38 -3.08 53.47
C ASP A 341 16.10 -2.81 52.70
N VAL A 342 15.97 -3.50 51.57
CA VAL A 342 14.80 -3.41 50.71
C VAL A 342 13.97 -4.67 50.90
N GLU A 343 12.70 -4.51 51.24
CA GLU A 343 11.80 -5.61 51.57
C GLU A 343 10.57 -5.59 50.67
N PHE A 344 10.34 -6.69 49.97
CA PHE A 344 9.10 -6.94 49.26
C PHE A 344 8.14 -7.68 50.19
N ARG A 345 6.90 -7.23 50.25
CA ARG A 345 5.92 -7.74 51.22
C ARG A 345 4.57 -7.90 50.53
N ASN A 346 4.33 -9.10 49.98
CA ASN A 346 3.04 -9.44 49.38
C ASN A 346 2.67 -8.48 48.26
N VAL A 347 3.50 -8.47 47.22
CA VAL A 347 3.40 -7.52 46.11
C VAL A 347 3.01 -8.29 44.85
N THR A 348 2.11 -7.69 44.08
CA THR A 348 1.65 -8.29 42.83
C THR A 348 1.21 -7.18 41.88
N PHE A 349 1.50 -7.37 40.60
CA PHE A 349 1.13 -6.40 39.58
C PHE A 349 1.20 -7.06 38.22
N THR A 350 0.60 -6.39 37.22
CA THR A 350 0.66 -6.83 35.83
C THR A 350 1.08 -5.67 34.95
N TYR A 351 1.74 -6.00 33.84
CA TYR A 351 2.16 -4.99 32.89
C TYR A 351 0.93 -4.31 32.29
N PRO A 352 0.87 -2.96 32.23
CA PRO A 352 -0.20 -2.34 31.44
C PRO A 352 -0.07 -2.69 29.96
N GLY A 353 -1.03 -3.46 29.45
CA GLY A 353 -0.98 -3.94 28.08
C GLY A 353 -1.38 -5.40 27.98
N ARG A 354 -1.02 -6.19 28.98
CA ARG A 354 -1.39 -7.59 29.08
C ARG A 354 -2.46 -7.77 30.16
N ASP A 355 -3.19 -8.88 30.05
CA ASP A 355 -4.32 -9.18 30.92
C ASP A 355 -3.97 -10.15 32.03
N VAL A 356 -3.26 -11.23 31.72
CA VAL A 356 -2.93 -12.25 32.70
C VAL A 356 -1.96 -11.64 33.72
N PRO A 357 -2.01 -12.00 35.00
CA PRO A 357 -1.00 -11.48 35.93
C PRO A 357 0.40 -11.93 35.54
N ALA A 358 1.36 -11.03 35.74
CA ALA A 358 2.76 -11.32 35.47
C ALA A 358 3.44 -11.98 36.68
N LEU A 359 3.44 -11.27 37.81
CA LEU A 359 3.96 -11.79 39.07
C LEU A 359 2.86 -11.65 40.12
N ARG A 360 2.51 -12.77 40.76
CA ARG A 360 1.50 -12.80 41.79
C ARG A 360 2.14 -12.41 43.12
N ASN A 361 1.42 -12.62 44.23
CA ASN A 361 1.89 -12.21 45.56
C ASN A 361 3.26 -12.77 45.88
N ILE A 362 4.19 -11.87 46.21
CA ILE A 362 5.58 -12.21 46.47
C ILE A 362 6.03 -11.48 47.73
N ASN A 363 6.79 -12.19 48.56
CA ASN A 363 7.46 -11.61 49.72
C ASN A 363 8.94 -11.93 49.62
N LEU A 364 9.77 -10.90 49.54
CA LEU A 364 11.21 -11.04 49.38
C LEU A 364 11.89 -9.94 50.17
N LYS A 365 13.15 -10.17 50.53
CA LYS A 365 13.94 -9.21 51.32
C LYS A 365 15.39 -9.22 50.86
N ILE A 366 15.99 -8.04 50.84
CA ILE A 366 17.39 -7.86 50.45
C ILE A 366 18.10 -7.28 51.67
N PRO A 367 18.68 -8.10 52.55
CA PRO A 367 19.26 -7.56 53.79
C PRO A 367 20.48 -6.68 53.52
N ALA A 368 20.90 -5.99 54.58
CA ALA A 368 22.02 -5.06 54.49
C ALA A 368 23.35 -5.82 54.46
N GLY A 369 24.22 -5.42 53.53
CA GLY A 369 25.52 -6.04 53.38
C GLY A 369 25.49 -7.46 52.85
N LYS A 370 24.37 -7.87 52.25
CA LYS A 370 24.19 -9.22 51.72
C LYS A 370 23.83 -9.14 50.24
N THR A 371 23.53 -10.31 49.66
CA THR A 371 23.15 -10.40 48.25
C THR A 371 22.19 -11.55 48.07
N VAL A 372 21.36 -11.45 47.03
CA VAL A 372 20.35 -12.46 46.70
C VAL A 372 20.41 -12.73 45.20
N ALA A 373 19.82 -13.85 44.80
CA ALA A 373 19.78 -14.27 43.40
C ALA A 373 18.35 -14.65 43.01
N LEU A 374 18.05 -14.46 41.73
CA LEU A 374 16.72 -14.77 41.19
C LEU A 374 16.93 -15.53 39.89
N VAL A 375 16.49 -16.79 39.85
CA VAL A 375 16.69 -17.67 38.70
C VAL A 375 15.29 -18.15 38.28
N GLY A 376 14.68 -17.42 37.35
CA GLY A 376 13.45 -17.82 36.69
C GLY A 376 13.72 -18.09 35.22
N ARG A 377 14.79 -18.83 34.94
CA ARG A 377 15.40 -18.85 33.61
C ARG A 377 14.44 -19.30 32.52
N SER A 378 13.39 -20.04 32.87
CA SER A 378 12.40 -20.43 31.88
C SER A 378 11.69 -19.22 31.27
N GLY A 379 11.69 -18.08 31.97
CA GLY A 379 11.07 -16.86 31.48
C GLY A 379 9.90 -16.42 32.33
N SER A 380 9.97 -16.71 33.64
CA SER A 380 8.89 -16.40 34.56
C SER A 380 9.04 -15.01 35.18
N GLY A 381 9.30 -14.02 34.33
CA GLY A 381 9.38 -12.64 34.80
C GLY A 381 10.46 -12.39 35.84
N LYS A 382 11.62 -13.04 35.72
CA LYS A 382 12.70 -12.78 36.65
C LYS A 382 13.25 -11.37 36.47
N SER A 383 13.22 -10.84 35.24
CA SER A 383 13.64 -9.47 35.00
C SER A 383 12.65 -8.44 35.53
N THR A 384 11.45 -8.87 35.94
CA THR A 384 10.41 -7.95 36.36
C THR A 384 10.62 -7.40 37.77
N ILE A 385 11.49 -8.01 38.58
CA ILE A 385 11.70 -7.55 39.95
C ILE A 385 12.87 -6.55 39.98
N ALA A 386 13.27 -6.03 38.82
CA ALA A 386 14.23 -4.95 38.72
C ALA A 386 13.59 -3.62 38.39
N SER A 387 12.45 -3.62 37.71
CA SER A 387 11.76 -2.37 37.38
C SER A 387 11.03 -1.80 38.59
N LEU A 388 10.52 -2.66 39.47
CA LEU A 388 9.65 -2.18 40.55
C LEU A 388 10.44 -1.42 41.59
N ILE A 389 11.65 -1.88 41.90
CA ILE A 389 12.48 -1.20 42.89
C ILE A 389 12.87 0.20 42.43
N THR A 390 12.98 0.41 41.12
CA THR A 390 13.24 1.72 40.55
C THR A 390 11.98 2.51 40.20
N ARG A 391 10.79 1.93 40.41
CA ARG A 391 9.52 2.57 40.10
C ARG A 391 9.41 2.95 38.62
N PHE A 392 10.02 2.16 37.73
CA PHE A 392 9.72 2.31 36.31
C PHE A 392 8.28 1.88 36.03
N TYR A 393 7.87 0.76 36.60
CA TYR A 393 6.48 0.31 36.59
C TYR A 393 5.94 0.36 38.00
N ASP A 394 4.77 0.97 38.16
CA ASP A 394 4.17 1.12 39.48
C ASP A 394 3.48 -0.18 39.90
N ILE A 395 3.53 -0.45 41.20
CA ILE A 395 2.91 -1.66 41.76
C ILE A 395 1.40 -1.47 41.79
N ASP A 396 0.68 -2.60 41.74
CA ASP A 396 -0.77 -2.61 41.81
C ASP A 396 -1.28 -2.87 43.22
N GLU A 397 -0.85 -3.98 43.83
CA GLU A 397 -1.19 -4.30 45.20
C GLU A 397 0.08 -4.67 45.97
N GLY A 398 0.07 -4.42 47.26
CA GLY A 398 1.19 -4.68 48.14
C GLY A 398 2.00 -3.42 48.42
N GLU A 399 3.16 -3.63 49.04
CA GLU A 399 4.06 -2.55 49.38
C GLU A 399 5.50 -3.04 49.32
N ILE A 400 6.38 -2.16 48.85
CA ILE A 400 7.82 -2.40 48.82
C ILE A 400 8.44 -1.34 49.72
N LEU A 401 9.19 -1.78 50.73
CA LEU A 401 9.75 -0.89 51.74
C LEU A 401 11.26 -0.81 51.58
N MET A 402 11.77 0.42 51.45
CA MET A 402 13.20 0.71 51.42
C MET A 402 13.56 1.49 52.68
N ASP A 403 14.54 0.99 53.43
CA ASP A 403 14.94 1.61 54.69
C ASP A 403 13.76 1.70 55.66
N GLY A 404 12.94 0.66 55.68
CA GLY A 404 11.78 0.64 56.55
C GLY A 404 10.73 1.67 56.21
N HIS A 405 10.56 1.98 54.93
CA HIS A 405 9.53 2.92 54.50
C HIS A 405 9.22 2.67 53.03
N ASP A 406 7.96 2.90 52.67
CA ASP A 406 7.48 2.55 51.34
C ASP A 406 8.18 3.38 50.27
N LEU A 407 8.35 2.78 49.08
CA LEU A 407 8.95 3.50 47.96
C LEU A 407 8.12 4.69 47.55
N ARG A 408 6.78 4.55 47.57
CA ARG A 408 5.89 5.61 47.10
C ARG A 408 6.03 6.89 47.92
N GLU A 409 6.56 6.81 49.14
CA GLU A 409 6.74 8.02 49.94
C GLU A 409 7.76 8.95 49.32
N TYR A 410 8.90 8.41 48.89
CA TYR A 410 10.03 9.26 48.55
C TYR A 410 9.83 9.90 47.17
N THR A 411 10.52 11.02 46.98
CA THR A 411 10.56 11.64 45.66
C THR A 411 11.26 10.72 44.67
N LEU A 412 10.76 10.71 43.43
CA LEU A 412 11.37 9.84 42.42
C LEU A 412 12.80 10.24 42.12
N ALA A 413 13.11 11.53 42.21
CA ALA A 413 14.48 11.98 41.96
C ALA A 413 15.44 11.40 43.00
N SER A 414 15.05 11.39 44.26
CA SER A 414 15.91 10.91 45.33
C SER A 414 15.87 9.39 45.50
N LEU A 415 14.90 8.70 44.91
CA LEU A 415 14.85 7.25 44.97
C LEU A 415 15.76 6.62 43.94
N ARG A 416 15.64 7.04 42.67
CA ARG A 416 16.49 6.52 41.62
C ARG A 416 17.95 6.90 41.81
N ASN A 417 18.23 7.94 42.61
CA ASN A 417 19.62 8.31 42.89
C ASN A 417 20.34 7.19 43.63
N GLN A 418 19.63 6.47 44.50
CA GLN A 418 20.22 5.42 45.32
C GLN A 418 20.23 4.06 44.62
N VAL A 419 20.10 4.03 43.31
CA VAL A 419 20.00 2.79 42.55
C VAL A 419 20.82 2.93 41.27
N ALA A 420 21.52 1.85 40.90
CA ALA A 420 22.26 1.78 39.64
C ALA A 420 22.00 0.43 38.99
N LEU A 421 21.61 0.45 37.72
CA LEU A 421 21.31 -0.76 36.95
C LEU A 421 22.53 -1.10 36.09
N VAL A 422 23.36 -1.99 36.59
CA VAL A 422 24.47 -2.54 35.81
C VAL A 422 23.96 -3.71 34.99
N SER A 423 24.19 -3.67 33.69
CA SER A 423 23.65 -4.69 32.79
C SER A 423 24.51 -4.73 31.54
N GLN A 424 24.20 -5.70 30.66
CA GLN A 424 24.91 -5.84 29.40
C GLN A 424 24.50 -4.78 28.39
N ASN A 425 23.24 -4.36 28.40
CA ASN A 425 22.72 -3.36 27.48
C ASN A 425 22.70 -2.03 28.23
N VAL A 426 23.64 -1.15 27.91
CA VAL A 426 23.74 0.18 28.49
C VAL A 426 23.86 1.19 27.36
N HIS A 427 23.02 2.22 27.42
CA HIS A 427 23.01 3.26 26.40
C HIS A 427 24.10 4.27 26.71
N LEU A 428 25.09 4.38 25.83
CA LEU A 428 26.16 5.35 25.97
C LEU A 428 25.82 6.60 25.17
N PHE A 429 25.88 7.74 25.84
CA PHE A 429 25.51 8.99 25.20
C PHE A 429 26.58 9.46 24.23
N ASN A 430 26.15 10.21 23.21
CA ASN A 430 27.06 10.78 22.21
C ASN A 430 27.80 11.95 22.86
N ASP A 431 28.80 11.61 23.66
CA ASP A 431 29.56 12.59 24.42
C ASP A 431 30.97 12.04 24.61
N THR A 432 31.76 12.70 25.45
CA THR A 432 33.10 12.24 25.77
C THR A 432 33.06 11.19 26.87
N VAL A 433 34.07 10.31 26.87
CA VAL A 433 34.16 9.26 27.88
C VAL A 433 34.31 9.80 29.28
N ALA A 434 34.82 11.02 29.44
CA ALA A 434 34.84 11.67 30.74
C ALA A 434 33.45 12.06 31.23
N ASN A 435 32.49 12.19 30.32
CA ASN A 435 31.10 12.44 30.69
C ASN A 435 30.27 11.18 30.84
N ASN A 436 30.46 10.19 29.98
CA ASN A 436 29.74 8.93 30.09
C ASN A 436 30.13 8.13 31.31
N ILE A 437 31.27 8.44 31.94
CA ILE A 437 31.65 7.84 33.20
C ILE A 437 31.07 8.59 34.39
N ALA A 438 30.84 9.90 34.27
CA ALA A 438 30.27 10.70 35.33
C ALA A 438 29.05 11.47 34.80
N TYR A 439 28.17 10.76 34.12
CA TYR A 439 27.05 11.41 33.43
C TYR A 439 26.11 12.07 34.42
N ALA A 440 25.67 13.29 34.08
CA ALA A 440 24.69 14.09 34.79
C ALA A 440 25.23 14.77 36.05
N ARG A 441 26.43 14.42 36.50
CA ARG A 441 27.08 15.08 37.64
C ARG A 441 28.55 15.34 37.32
N THR A 442 28.82 15.82 36.12
CA THR A 442 30.18 16.21 35.75
C THR A 442 30.64 17.47 36.48
N GLU A 443 29.73 18.22 37.11
CA GLU A 443 30.11 19.45 37.80
C GLU A 443 30.84 19.12 39.10
N GLN A 444 30.22 18.31 39.97
CA GLN A 444 30.81 18.04 41.28
C GLN A 444 32.07 17.21 41.15
N TYR A 445 32.08 16.22 40.27
CA TYR A 445 33.16 15.24 40.22
C TYR A 445 34.28 15.72 39.30
N SER A 446 35.51 15.65 39.80
CA SER A 446 36.68 16.13 39.08
C SER A 446 37.19 15.06 38.12
N ARG A 447 38.15 15.48 37.27
CA ARG A 447 38.74 14.54 36.32
C ARG A 447 39.62 13.52 37.03
N GLU A 448 40.23 13.89 38.15
CA GLU A 448 41.09 12.95 38.87
C GLU A 448 40.29 11.76 39.39
N GLN A 449 39.11 12.02 39.94
CA GLN A 449 38.29 10.92 40.45
C GLN A 449 37.80 10.01 39.33
N ILE A 450 37.55 10.57 38.14
CA ILE A 450 37.10 9.76 37.01
C ILE A 450 38.18 8.75 36.62
N GLU A 451 39.44 9.17 36.62
CA GLU A 451 40.53 8.22 36.37
C GLU A 451 40.59 7.17 37.48
N GLU A 452 40.37 7.58 38.72
CA GLU A 452 40.39 6.63 39.83
C GLU A 452 39.29 5.59 39.67
N ALA A 453 38.09 6.03 39.27
CA ALA A 453 36.98 5.09 39.05
C ALA A 453 37.30 4.14 37.91
N ALA A 454 37.86 4.66 36.81
CA ALA A 454 38.19 3.79 35.68
C ALA A 454 39.26 2.78 36.04
N ARG A 455 40.29 3.22 36.78
CA ARG A 455 41.34 2.29 37.19
C ARG A 455 40.79 1.24 38.15
N MET A 456 39.88 1.63 39.04
CA MET A 456 39.23 0.66 39.91
C MET A 456 38.44 -0.36 39.11
N ALA A 457 37.80 0.07 38.03
CA ALA A 457 37.05 -0.85 37.18
C ALA A 457 37.94 -1.67 36.25
N TYR A 458 39.26 -1.39 36.21
CA TYR A 458 40.17 -2.05 35.29
C TYR A 458 39.72 -1.88 33.84
N ALA A 459 39.22 -0.68 33.51
CA ALA A 459 38.88 -0.29 32.16
C ALA A 459 39.85 0.74 31.59
N MET A 460 40.96 0.99 32.29
CA MET A 460 41.91 2.02 31.83
C MET A 460 42.58 1.62 30.52
N ASP A 461 42.68 0.32 30.24
CA ASP A 461 43.39 -0.13 29.05
C ASP A 461 42.72 0.36 27.77
N PHE A 462 41.39 0.20 27.69
CA PHE A 462 40.67 0.64 26.50
C PHE A 462 40.74 2.15 26.35
N ILE A 463 40.57 2.88 27.45
CA ILE A 463 40.54 4.34 27.38
C ILE A 463 41.92 4.88 27.05
N ASN A 464 42.98 4.26 27.57
CA ASN A 464 44.32 4.68 27.20
C ASN A 464 44.60 4.43 25.73
N LYS A 465 43.98 3.40 25.14
CA LYS A 465 44.13 3.15 23.71
C LYS A 465 43.46 4.23 22.87
N MET A 466 42.55 5.01 23.45
CA MET A 466 41.86 6.04 22.68
C MET A 466 42.84 7.13 22.25
N ASP A 467 42.46 7.86 21.20
CA ASP A 467 43.35 8.85 20.60
C ASP A 467 43.60 10.01 21.56
N ASN A 468 42.53 10.59 22.10
CA ASN A 468 42.61 11.76 22.97
C ASN A 468 42.49 11.40 24.45
N GLY A 469 42.48 10.11 24.79
CA GLY A 469 42.40 9.70 26.19
C GLY A 469 41.02 9.86 26.78
N LEU A 470 40.87 10.84 27.67
CA LEU A 470 39.63 11.06 28.42
C LEU A 470 38.73 12.11 27.77
N ASP A 471 38.81 12.26 26.44
CA ASP A 471 37.95 13.20 25.73
C ASP A 471 37.44 12.67 24.39
N THR A 472 37.74 11.43 24.03
CA THR A 472 37.29 10.89 22.75
C THR A 472 35.76 10.78 22.74
N VAL A 473 35.16 11.08 21.58
CA VAL A 473 33.73 10.89 21.42
C VAL A 473 33.45 9.39 21.46
N ILE A 474 32.66 8.95 22.44
CA ILE A 474 32.54 7.54 22.77
C ILE A 474 31.23 6.91 22.30
N GLY A 475 30.17 7.69 22.14
CA GLY A 475 28.89 7.15 21.74
C GLY A 475 28.84 6.82 20.26
N GLU A 476 27.62 6.59 19.77
CA GLU A 476 27.41 6.35 18.36
C GLU A 476 27.88 7.54 17.54
N ASN A 477 28.20 7.27 16.27
CA ASN A 477 28.88 8.24 15.41
C ASN A 477 30.18 8.71 16.05
N GLY A 478 30.88 7.77 16.69
CA GLY A 478 32.13 8.04 17.36
C GLY A 478 33.17 6.96 17.11
N VAL A 479 33.76 6.42 18.17
CA VAL A 479 34.79 5.38 18.06
C VAL A 479 34.20 3.98 18.05
N LEU A 480 32.91 3.81 18.34
CA LEU A 480 32.19 2.55 18.14
C LEU A 480 32.84 1.42 18.95
N LEU A 481 32.77 1.56 20.27
CA LEU A 481 33.23 0.50 21.14
C LEU A 481 32.36 -0.76 20.96
N SER A 482 32.97 -1.91 21.19
CA SER A 482 32.30 -3.18 21.05
C SER A 482 31.45 -3.47 22.30
N GLY A 483 30.62 -4.51 22.19
CA GLY A 483 29.70 -4.83 23.28
C GLY A 483 30.42 -5.19 24.57
N GLY A 484 31.56 -5.87 24.46
CA GLY A 484 32.31 -6.24 25.65
C GLY A 484 32.83 -5.04 26.42
N GLN A 485 33.28 -4.01 25.71
CA GLN A 485 33.84 -2.83 26.36
C GLN A 485 32.76 -1.96 26.98
N ARG A 486 31.52 -2.02 26.46
CA ARG A 486 30.44 -1.21 27.01
C ARG A 486 30.15 -1.58 28.44
N GLN A 487 30.20 -2.87 28.77
CA GLN A 487 29.85 -3.32 30.12
C GLN A 487 30.80 -2.74 31.16
N ARG A 488 32.10 -2.76 30.87
CA ARG A 488 33.08 -2.29 31.84
C ARG A 488 32.94 -0.81 32.13
N ILE A 489 32.45 -0.03 31.17
CA ILE A 489 32.14 1.38 31.45
C ILE A 489 30.98 1.48 32.43
N ALA A 490 29.99 0.60 32.30
CA ALA A 490 28.87 0.61 33.23
C ALA A 490 29.32 0.30 34.65
N ILE A 491 30.24 -0.64 34.81
CA ILE A 491 30.83 -0.90 36.13
C ILE A 491 31.55 0.34 36.62
N ALA A 492 32.32 0.98 35.74
CA ALA A 492 33.01 2.21 36.12
C ALA A 492 32.02 3.31 36.47
N ARG A 493 30.92 3.42 35.71
CA ARG A 493 29.93 4.46 35.99
C ARG A 493 29.26 4.21 37.33
N ALA A 494 28.85 2.97 37.60
CA ALA A 494 28.19 2.67 38.87
C ALA A 494 29.14 2.85 40.05
N LEU A 495 30.41 2.45 39.89
CA LEU A 495 31.36 2.55 40.99
C LEU A 495 31.59 4.01 41.39
N LEU A 496 31.67 4.90 40.40
CA LEU A 496 31.97 6.30 40.68
C LEU A 496 30.89 6.95 41.52
N ARG A 497 29.62 6.71 41.21
CA ARG A 497 28.53 7.38 41.91
C ARG A 497 28.27 6.80 43.29
N ASP A 498 28.67 5.55 43.54
CA ASP A 498 28.55 4.93 44.86
C ASP A 498 27.08 4.79 45.27
N SER A 499 26.28 4.23 44.37
CA SER A 499 24.87 4.00 44.66
C SER A 499 24.75 2.76 45.56
N PRO A 500 24.05 2.85 46.73
CA PRO A 500 23.99 1.68 47.63
C PRO A 500 23.36 0.44 47.03
N ILE A 501 22.22 0.58 46.35
CA ILE A 501 21.53 -0.58 45.80
C ILE A 501 22.16 -0.97 44.47
N LEU A 502 22.03 -2.26 44.11
CA LEU A 502 22.69 -2.79 42.92
C LEU A 502 21.87 -3.95 42.39
N ILE A 503 21.46 -3.86 41.12
CA ILE A 503 20.54 -4.79 40.48
C ILE A 503 21.20 -5.39 39.23
N LEU A 504 22.48 -5.78 39.37
CA LEU A 504 23.24 -6.47 38.33
C LEU A 504 22.38 -7.41 37.49
N ASP A 505 22.45 -7.25 36.18
CA ASP A 505 21.70 -8.10 35.27
C ASP A 505 22.44 -9.41 35.00
N GLU A 506 23.62 -9.32 34.37
CA GLU A 506 24.43 -10.48 34.02
C GLU A 506 23.63 -11.48 33.19
N ALA A 507 22.88 -10.97 32.21
CA ALA A 507 21.98 -11.83 31.44
C ALA A 507 22.75 -12.82 30.57
N THR A 508 23.76 -12.34 29.85
CA THR A 508 24.54 -13.19 28.95
C THR A 508 25.80 -13.66 29.65
N SER A 509 26.05 -14.97 29.62
CA SER A 509 27.24 -15.58 30.20
C SER A 509 28.23 -15.85 29.07
N ALA A 510 28.94 -14.81 28.67
CA ALA A 510 29.92 -14.93 27.60
C ALA A 510 31.14 -15.71 28.06
N LEU A 511 31.85 -16.28 27.09
CA LEU A 511 33.09 -17.00 27.32
C LEU A 511 34.29 -16.34 26.63
N ASP A 512 34.17 -15.07 26.24
CA ASP A 512 35.26 -14.35 25.61
C ASP A 512 36.27 -13.99 26.72
N THR A 513 37.21 -14.90 26.95
CA THR A 513 38.18 -14.75 28.02
C THR A 513 39.02 -13.49 27.80
N GLU A 514 39.80 -13.16 28.85
CA GLU A 514 40.52 -11.89 28.96
C GLU A 514 39.54 -10.74 29.13
N SER A 515 38.72 -10.48 28.11
CA SER A 515 37.67 -9.47 28.26
C SER A 515 36.66 -9.88 29.33
N GLU A 516 36.26 -11.15 29.33
CA GLU A 516 35.29 -11.61 30.33
C GLU A 516 35.92 -11.75 31.71
N ARG A 517 37.21 -12.10 31.79
CA ARG A 517 37.87 -12.18 33.08
C ARG A 517 37.91 -10.82 33.76
N ALA A 518 38.22 -9.77 33.01
CA ALA A 518 38.22 -8.42 33.58
C ALA A 518 36.82 -8.02 34.03
N ILE A 519 35.80 -8.37 33.24
CA ILE A 519 34.42 -8.06 33.63
C ILE A 519 34.06 -8.81 34.90
N GLN A 520 34.38 -10.10 34.96
CA GLN A 520 34.07 -10.89 36.14
C GLN A 520 34.86 -10.40 37.35
N ALA A 521 36.15 -10.10 37.15
CA ALA A 521 36.96 -9.57 38.24
C ALA A 521 36.46 -8.19 38.67
N ALA A 522 36.10 -7.34 37.70
CA ALA A 522 35.61 -6.01 38.02
C ALA A 522 34.29 -6.06 38.77
N LEU A 523 33.38 -6.94 38.35
CA LEU A 523 32.07 -7.03 39.01
C LEU A 523 32.23 -7.48 40.45
N ASP A 524 33.13 -8.42 40.71
CA ASP A 524 33.33 -8.90 42.08
C ASP A 524 33.83 -7.80 42.99
N GLU A 525 34.62 -6.87 42.46
CA GLU A 525 35.07 -5.73 43.27
C GLU A 525 33.90 -4.86 43.69
N LEU A 526 32.90 -4.70 42.82
CA LEU A 526 31.77 -3.85 43.14
C LEU A 526 30.92 -4.45 44.25
N GLN A 527 30.84 -5.77 44.34
CA GLN A 527 29.96 -6.44 45.29
C GLN A 527 30.66 -6.75 46.62
N LYS A 528 31.32 -5.74 47.19
CA LYS A 528 31.93 -5.86 48.52
C LYS A 528 30.99 -5.32 49.59
N ASN A 529 30.68 -4.02 49.52
CA ASN A 529 29.55 -3.39 50.19
C ASN A 529 28.40 -3.39 49.19
N ARG A 530 27.43 -2.51 49.37
CA ARG A 530 26.51 -2.20 48.28
C ARG A 530 25.61 -3.37 47.92
N THR A 531 24.62 -3.62 48.79
CA THR A 531 23.61 -4.67 48.65
C THR A 531 23.23 -4.94 47.21
N SER A 532 23.28 -6.22 46.82
CA SER A 532 23.24 -6.62 45.42
C SER A 532 22.06 -7.55 45.17
N LEU A 533 21.37 -7.31 44.06
CA LEU A 533 20.42 -8.24 43.47
C LEU A 533 20.98 -8.63 42.11
N VAL A 534 21.06 -9.94 41.86
CA VAL A 534 21.62 -10.46 40.62
C VAL A 534 20.57 -11.34 39.96
N ILE A 535 20.20 -11.01 38.73
CA ILE A 535 19.28 -11.84 37.94
C ILE A 535 20.18 -12.82 37.20
N ALA A 536 20.52 -13.91 37.90
CA ALA A 536 21.66 -14.72 37.51
C ALA A 536 21.37 -15.59 36.29
N HIS A 537 22.29 -15.56 35.33
CA HIS A 537 22.40 -16.56 34.28
C HIS A 537 23.70 -17.34 34.34
N ARG A 538 24.74 -16.80 34.97
CA ARG A 538 26.04 -17.45 35.11
C ARG A 538 26.09 -18.17 36.46
N LEU A 539 26.46 -19.45 36.43
CA LEU A 539 26.43 -20.27 37.63
C LEU A 539 27.57 -19.99 38.60
N SER A 540 28.62 -19.28 38.17
CA SER A 540 29.74 -19.01 39.05
C SER A 540 29.33 -18.15 40.24
N THR A 541 28.52 -17.11 40.00
CA THR A 541 28.10 -16.18 41.04
C THR A 541 26.82 -16.60 41.74
N ILE A 542 26.14 -17.65 41.27
CA ILE A 542 24.93 -18.09 41.94
C ILE A 542 25.25 -18.68 43.31
N GLU A 543 26.26 -19.56 43.36
CA GLU A 543 26.54 -20.29 44.59
C GLU A 543 27.15 -19.41 45.68
N LYS A 544 27.88 -18.35 45.32
CA LYS A 544 28.49 -17.50 46.33
C LYS A 544 27.47 -16.60 47.03
N ALA A 545 26.25 -16.49 46.51
CA ALA A 545 25.26 -15.62 47.09
C ALA A 545 24.85 -16.11 48.49
N ASP A 546 24.50 -15.16 49.34
CA ASP A 546 24.11 -15.50 50.71
C ASP A 546 22.84 -16.32 50.73
N GLU A 547 21.84 -15.94 49.93
CA GLU A 547 20.53 -16.60 49.93
C GLU A 547 20.02 -16.61 48.50
N ILE A 548 20.04 -17.78 47.86
CA ILE A 548 19.53 -17.92 46.51
C ILE A 548 18.01 -18.04 46.57
N VAL A 549 17.35 -17.42 45.59
CA VAL A 549 15.90 -17.49 45.45
C VAL A 549 15.58 -17.76 43.99
N VAL A 550 14.43 -18.40 43.76
CA VAL A 550 13.98 -18.74 42.42
C VAL A 550 12.50 -18.37 42.29
N VAL A 551 12.16 -17.80 41.14
CA VAL A 551 10.79 -17.38 40.85
C VAL A 551 10.07 -18.56 40.22
N GLU A 552 9.13 -19.14 40.95
CA GLU A 552 8.29 -20.23 40.43
C GLU A 552 7.06 -19.59 39.81
N ASP A 553 7.13 -19.35 38.50
CA ASP A 553 6.06 -18.69 37.76
C ASP A 553 5.78 -17.31 38.35
N GLY A 554 4.67 -17.11 39.06
CA GLY A 554 4.30 -15.79 39.53
C GLY A 554 4.61 -15.53 41.00
N VAL A 555 5.00 -16.56 41.75
CA VAL A 555 5.18 -16.47 43.19
C VAL A 555 6.45 -17.22 43.58
N ILE A 556 7.14 -16.69 44.60
CA ILE A 556 8.29 -17.39 45.16
C ILE A 556 7.79 -18.57 45.99
N VAL A 557 8.32 -19.75 45.70
CA VAL A 557 7.90 -20.98 46.36
C VAL A 557 9.05 -21.55 47.16
N GLU A 558 10.25 -21.52 46.58
CA GLU A 558 11.44 -22.14 47.17
C GLU A 558 12.42 -21.04 47.56
N ARG A 559 12.82 -21.03 48.84
CA ARG A 559 13.74 -20.03 49.38
C ARG A 559 14.75 -20.72 50.28
N GLY A 560 16.01 -20.32 50.16
CA GLY A 560 17.06 -20.88 50.99
C GLY A 560 18.40 -20.80 50.30
N THR A 561 19.44 -21.14 51.06
CA THR A 561 20.80 -21.10 50.53
C THR A 561 20.99 -22.20 49.49
N HIS A 562 22.22 -22.26 48.95
CA HIS A 562 22.46 -23.12 47.79
C HIS A 562 22.32 -24.60 48.13
N ASN A 563 22.71 -25.00 49.35
CA ASN A 563 22.69 -26.41 49.72
C ASN A 563 21.36 -26.85 50.32
N ASP A 564 20.70 -25.98 51.08
CA ASP A 564 19.38 -26.31 51.62
C ASP A 564 18.35 -26.49 50.52
N LEU A 565 18.53 -25.80 49.39
CA LEU A 565 17.59 -25.90 48.27
C LEU A 565 17.93 -27.03 47.32
N LEU A 566 19.15 -27.54 47.37
CA LEU A 566 19.55 -28.62 46.46
C LEU A 566 19.22 -30.00 47.04
N GLU A 567 19.28 -30.15 48.37
CA GLU A 567 18.91 -31.43 48.97
C GLU A 567 17.45 -31.76 48.70
N HIS A 568 16.58 -30.76 48.79
CA HIS A 568 15.21 -30.90 48.30
C HIS A 568 15.21 -30.73 46.79
N ARG A 569 14.53 -31.63 46.09
CA ARG A 569 14.48 -31.56 44.63
C ARG A 569 13.82 -30.25 44.19
N GLY A 570 12.51 -30.15 44.38
CA GLY A 570 11.80 -28.96 43.95
C GLY A 570 11.98 -28.71 42.47
N VAL A 571 12.37 -27.49 42.12
CA VAL A 571 12.71 -27.12 40.75
C VAL A 571 14.08 -26.46 40.70
N TYR A 572 14.59 -25.99 41.84
CA TYR A 572 15.94 -25.43 41.88
C TYR A 572 16.97 -26.47 41.48
N ALA A 573 16.84 -27.69 42.02
CA ALA A 573 17.74 -28.76 41.62
C ALA A 573 17.63 -29.04 40.13
N GLN A 574 16.40 -29.10 39.61
CA GLN A 574 16.21 -29.27 38.18
C GLN A 574 16.80 -28.08 37.41
N LEU A 575 16.61 -26.86 37.92
CA LEU A 575 17.30 -25.70 37.35
C LEU A 575 18.80 -25.90 37.36
N HIS A 576 19.33 -26.55 38.41
CA HIS A 576 20.74 -26.91 38.41
C HIS A 576 21.07 -27.90 37.30
N LYS A 577 20.18 -28.86 37.06
CA LYS A 577 20.41 -29.81 35.97
C LYS A 577 20.16 -29.17 34.61
N MET A 578 19.27 -28.18 34.54
CA MET A 578 19.09 -27.43 33.30
C MET A 578 20.37 -26.73 32.89
N GLN A 579 21.11 -26.20 33.87
CA GLN A 579 22.40 -25.58 33.58
C GLN A 579 23.38 -26.60 33.03
N PHE A 580 23.40 -27.80 33.59
CA PHE A 580 24.26 -28.87 33.12
C PHE A 580 23.73 -29.45 31.82
N THR B 12 9.57 -5.14 -29.99
CA THR B 12 8.74 -6.04 -29.14
C THR B 12 8.37 -7.30 -29.95
N PHE B 13 7.93 -8.36 -29.25
CA PHE B 13 7.58 -9.63 -29.94
C PHE B 13 6.36 -9.39 -30.84
N ARG B 14 5.39 -8.58 -30.39
CA ARG B 14 4.17 -8.32 -31.17
C ARG B 14 3.80 -9.48 -32.08
N ARG B 15 3.48 -10.63 -31.47
CA ARG B 15 2.71 -11.67 -32.14
C ARG B 15 1.22 -11.58 -31.83
N LEU B 16 0.78 -10.46 -31.26
CA LEU B 16 -0.62 -10.14 -31.08
C LEU B 16 -1.30 -9.69 -32.36
N TRP B 17 -0.53 -9.25 -33.36
CA TRP B 17 -1.06 -8.66 -34.58
C TRP B 17 -2.00 -9.58 -35.36
N PRO B 18 -1.76 -10.90 -35.44
CA PRO B 18 -2.71 -11.76 -36.14
C PRO B 18 -4.14 -11.68 -35.62
N THR B 19 -4.34 -11.46 -34.32
CA THR B 19 -5.69 -11.30 -33.78
C THR B 19 -6.32 -9.96 -34.16
N ILE B 20 -5.52 -8.96 -34.53
CA ILE B 20 -6.03 -7.66 -34.93
C ILE B 20 -6.18 -7.53 -36.43
N ALA B 21 -5.43 -8.30 -37.21
CA ALA B 21 -5.41 -8.19 -38.68
C ALA B 21 -6.79 -8.31 -39.32
N PRO B 22 -7.67 -9.19 -38.85
CA PRO B 22 -9.04 -9.19 -39.38
C PRO B 22 -9.82 -7.90 -39.14
N PHE B 23 -9.36 -7.03 -38.24
CA PHE B 23 -10.09 -5.82 -37.86
C PHE B 23 -9.36 -4.56 -38.32
N LYS B 24 -8.86 -4.57 -39.56
CA LYS B 24 -8.31 -3.36 -40.17
C LYS B 24 -9.40 -2.54 -40.86
N ALA B 25 -10.47 -2.25 -40.12
CA ALA B 25 -11.55 -1.39 -40.58
C ALA B 25 -11.94 -0.34 -39.55
N GLY B 26 -11.59 -0.52 -38.28
CA GLY B 26 -11.74 0.51 -37.28
C GLY B 26 -10.43 1.25 -37.06
N LEU B 27 -9.31 0.56 -37.24
CA LEU B 27 -8.01 1.19 -37.06
C LEU B 27 -7.63 2.11 -38.21
N ILE B 28 -8.26 1.95 -39.38
CA ILE B 28 -8.08 2.87 -40.51
C ILE B 28 -9.31 3.75 -40.70
N VAL B 29 -10.14 3.89 -39.67
CA VAL B 29 -11.16 4.93 -39.63
C VAL B 29 -10.90 5.82 -38.42
N ALA B 30 -10.30 5.26 -37.37
CA ALA B 30 -9.83 6.03 -36.23
C ALA B 30 -8.47 6.68 -36.48
N GLY B 31 -7.99 6.65 -37.72
CA GLY B 31 -6.84 7.43 -38.14
C GLY B 31 -7.21 8.46 -39.18
N VAL B 32 -8.39 8.33 -39.79
CA VAL B 32 -8.90 9.29 -40.76
C VAL B 32 -9.83 10.27 -40.04
N ALA B 33 -10.61 9.77 -39.08
CA ALA B 33 -11.43 10.61 -38.22
C ALA B 33 -10.71 11.00 -36.93
N LEU B 34 -9.38 11.01 -36.95
CA LEU B 34 -8.56 11.53 -35.87
C LEU B 34 -7.55 12.55 -36.35
N ILE B 35 -6.99 12.36 -37.56
CA ILE B 35 -6.25 13.44 -38.20
C ILE B 35 -7.19 14.63 -38.43
N LEU B 36 -8.45 14.37 -38.78
CA LEU B 36 -9.43 15.44 -38.91
C LEU B 36 -9.80 16.08 -37.58
N ASN B 37 -9.67 15.36 -36.47
CA ASN B 37 -9.85 15.96 -35.16
C ASN B 37 -8.64 16.81 -34.75
N ALA B 38 -7.44 16.37 -35.11
CA ALA B 38 -6.24 17.16 -34.88
C ALA B 38 -6.14 18.39 -35.78
N ALA B 39 -6.73 18.34 -36.97
CA ALA B 39 -6.77 19.47 -37.89
C ALA B 39 -8.02 20.32 -37.70
N SER B 40 -8.61 20.27 -36.49
CA SER B 40 -9.68 21.18 -36.09
C SER B 40 -9.29 21.97 -34.84
N ASP B 41 -8.25 21.52 -34.12
CA ASP B 41 -7.59 22.36 -33.14
C ASP B 41 -6.54 23.25 -33.78
N THR B 42 -6.21 23.04 -35.06
CA THR B 42 -5.31 23.90 -35.80
C THR B 42 -6.05 24.90 -36.67
N PHE B 43 -7.29 24.60 -37.07
CA PHE B 43 -8.10 25.52 -37.86
C PHE B 43 -8.90 26.48 -37.00
N MET B 44 -8.84 26.33 -35.67
CA MET B 44 -9.42 27.30 -34.75
C MET B 44 -8.41 28.31 -34.23
N LEU B 45 -7.18 27.89 -33.93
CA LEU B 45 -6.13 28.84 -33.63
C LEU B 45 -5.82 29.74 -34.80
N SER B 46 -6.11 29.31 -36.03
CA SER B 46 -5.98 30.16 -37.20
C SER B 46 -7.14 31.13 -37.36
N LEU B 47 -8.20 31.00 -36.54
CA LEU B 47 -9.25 32.00 -36.47
C LEU B 47 -8.89 33.14 -35.52
N LEU B 48 -7.64 33.19 -35.08
CA LEU B 48 -7.19 34.32 -34.21
C LEU B 48 -6.67 35.44 -35.11
N LYS B 49 -5.98 35.10 -36.20
CA LYS B 49 -5.38 36.13 -37.10
C LYS B 49 -6.46 37.01 -37.74
N PRO B 50 -7.58 36.48 -38.32
CA PRO B 50 -8.63 37.35 -38.85
C PRO B 50 -9.29 38.18 -37.75
N LEU B 51 -9.48 37.59 -36.56
CA LEU B 51 -10.20 38.29 -35.47
C LEU B 51 -9.39 39.48 -34.93
N LEU B 52 -8.23 39.23 -34.30
CA LEU B 52 -7.50 40.32 -33.66
C LEU B 52 -7.02 41.37 -34.67
N ASP B 53 -7.05 41.09 -35.96
CA ASP B 53 -6.43 41.93 -36.97
C ASP B 53 -7.41 42.68 -37.87
N ASP B 54 -8.52 42.06 -38.27
CA ASP B 54 -9.32 42.52 -39.40
C ASP B 54 -10.79 42.58 -39.04
N GLY B 55 -11.10 43.18 -37.89
CA GLY B 55 -12.49 43.27 -37.46
C GLY B 55 -12.79 43.35 -35.97
N PHE B 56 -11.82 43.09 -35.09
CA PHE B 56 -11.95 43.46 -33.69
C PHE B 56 -11.19 44.74 -33.35
N GLY B 57 -10.65 45.43 -34.35
CA GLY B 57 -10.02 46.72 -34.15
C GLY B 57 -10.32 47.67 -35.29
N LYS B 58 -11.48 47.53 -35.90
CA LYS B 58 -11.84 48.29 -37.09
C LYS B 58 -13.35 48.41 -37.17
N THR B 59 -13.81 49.27 -38.07
CA THR B 59 -15.24 49.46 -38.30
C THR B 59 -15.91 48.23 -38.92
N ASP B 60 -15.13 47.27 -39.42
CA ASP B 60 -15.68 46.09 -40.07
C ASP B 60 -16.28 45.15 -39.03
N ARG B 61 -17.53 45.38 -38.65
CA ARG B 61 -18.24 44.53 -37.70
C ARG B 61 -18.96 43.39 -38.41
N SER B 62 -18.21 42.67 -39.25
CA SER B 62 -18.73 41.52 -39.99
C SER B 62 -17.96 40.26 -39.62
N VAL B 63 -16.67 40.42 -39.30
CA VAL B 63 -15.85 39.28 -38.89
C VAL B 63 -16.28 38.72 -37.55
N LEU B 64 -16.99 39.51 -36.74
CA LEU B 64 -17.65 39.02 -35.54
C LEU B 64 -19.08 38.56 -35.78
N VAL B 65 -19.55 38.58 -37.03
CA VAL B 65 -20.89 38.14 -37.36
C VAL B 65 -20.91 36.74 -37.99
N TRP B 66 -19.94 36.42 -38.85
CA TRP B 66 -19.82 35.08 -39.40
C TRP B 66 -18.89 34.19 -38.60
N MET B 67 -18.19 34.73 -37.60
CA MET B 67 -17.18 33.89 -36.88
C MET B 67 -17.79 33.06 -35.74
N PRO B 68 -18.75 33.54 -34.90
CA PRO B 68 -19.25 32.74 -33.79
C PRO B 68 -19.86 31.42 -34.31
N LEU B 69 -20.57 31.48 -35.44
CA LEU B 69 -21.14 30.26 -36.03
C LEU B 69 -20.04 29.36 -36.62
N VAL B 70 -18.88 29.92 -36.98
CA VAL B 70 -17.80 29.07 -37.47
C VAL B 70 -17.12 28.32 -36.32
N VAL B 71 -17.09 28.89 -35.12
CA VAL B 71 -16.57 28.20 -33.95
C VAL B 71 -17.53 27.07 -33.57
N ILE B 72 -18.83 27.33 -33.65
CA ILE B 72 -19.81 26.28 -33.38
C ILE B 72 -19.71 25.18 -34.43
N GLY B 73 -19.54 25.55 -35.70
CA GLY B 73 -19.42 24.57 -36.76
C GLY B 73 -18.11 23.83 -36.80
N LEU B 74 -17.13 24.25 -36.01
CA LEU B 74 -15.88 23.52 -35.84
C LEU B 74 -15.81 22.76 -34.54
N MET B 75 -16.63 23.11 -33.55
CA MET B 75 -16.74 22.36 -32.31
C MET B 75 -17.79 21.26 -32.39
N ILE B 76 -18.80 21.40 -33.23
CA ILE B 76 -19.66 20.28 -33.55
C ILE B 76 -18.91 19.25 -34.40
N LEU B 77 -18.11 19.71 -35.37
CA LEU B 77 -17.27 18.80 -36.14
C LEU B 77 -16.25 18.10 -35.27
N ARG B 78 -15.63 18.81 -34.32
CA ARG B 78 -14.73 18.16 -33.38
C ARG B 78 -15.42 17.08 -32.55
N GLY B 79 -16.62 17.34 -32.05
CA GLY B 79 -17.33 16.33 -31.29
C GLY B 79 -17.72 15.13 -32.11
N ILE B 80 -18.24 15.35 -33.32
CA ILE B 80 -18.62 14.26 -34.20
C ILE B 80 -17.40 13.47 -34.67
N THR B 81 -16.23 14.10 -34.77
CA THR B 81 -15.01 13.42 -35.20
C THR B 81 -14.24 12.83 -34.03
N SER B 82 -14.61 13.19 -32.80
CA SER B 82 -14.03 12.59 -31.60
C SER B 82 -14.85 11.45 -31.04
N TYR B 83 -16.16 11.41 -31.30
CA TYR B 83 -16.98 10.26 -30.94
C TYR B 83 -16.87 9.12 -31.95
N VAL B 84 -16.75 9.42 -33.24
CA VAL B 84 -16.51 8.40 -34.24
C VAL B 84 -15.14 7.75 -34.09
N SER B 85 -14.15 8.47 -33.54
CA SER B 85 -12.82 7.93 -33.31
C SER B 85 -12.69 7.27 -31.93
N SER B 86 -13.77 7.25 -31.14
CA SER B 86 -13.82 6.52 -29.88
C SER B 86 -14.78 5.35 -29.94
N TYR B 87 -15.73 5.35 -30.87
CA TYR B 87 -16.54 4.16 -31.12
C TYR B 87 -15.90 3.22 -32.13
N CYS B 88 -15.08 3.72 -33.04
CA CYS B 88 -14.42 2.90 -34.05
C CYS B 88 -13.08 2.36 -33.57
N ILE B 89 -12.65 2.68 -32.35
CA ILE B 89 -11.48 2.08 -31.73
C ILE B 89 -11.80 1.38 -30.43
N SER B 90 -13.02 1.57 -29.89
CA SER B 90 -13.55 0.72 -28.84
C SER B 90 -14.28 -0.49 -29.40
N TRP B 91 -14.49 -0.55 -30.71
CA TRP B 91 -14.98 -1.75 -31.36
C TRP B 91 -13.86 -2.67 -31.79
N VAL B 92 -12.68 -2.12 -32.11
CA VAL B 92 -11.51 -2.95 -32.39
C VAL B 92 -10.73 -3.28 -31.13
N SER B 93 -10.83 -2.45 -30.10
CA SER B 93 -10.29 -2.78 -28.78
C SER B 93 -11.21 -3.71 -28.00
N GLY B 94 -12.39 -4.03 -28.53
CA GLY B 94 -13.31 -4.95 -27.90
C GLY B 94 -13.26 -6.32 -28.53
N LYS B 95 -13.11 -6.39 -29.84
CA LYS B 95 -13.09 -7.65 -30.57
C LYS B 95 -11.70 -8.27 -30.68
N VAL B 96 -10.68 -7.64 -30.09
CA VAL B 96 -9.37 -8.26 -29.91
C VAL B 96 -9.09 -8.59 -28.45
N VAL B 97 -9.94 -8.16 -27.53
CA VAL B 97 -9.92 -8.65 -26.17
C VAL B 97 -10.97 -9.76 -25.95
N MET B 98 -12.12 -9.67 -26.61
CA MET B 98 -13.09 -10.75 -26.53
C MET B 98 -12.57 -12.02 -27.17
N THR B 99 -11.75 -11.91 -28.22
CA THR B 99 -11.17 -13.08 -28.89
C THR B 99 -9.86 -13.53 -28.27
N MET B 100 -9.41 -12.85 -27.21
CA MET B 100 -8.35 -13.36 -26.35
C MET B 100 -8.89 -13.98 -25.07
N ARG B 101 -10.02 -13.48 -24.57
CA ARG B 101 -10.80 -14.20 -23.56
C ARG B 101 -11.71 -15.25 -24.18
N ARG B 102 -11.20 -15.99 -25.14
CA ARG B 102 -11.74 -17.29 -25.52
C ARG B 102 -10.65 -18.31 -25.74
N ARG B 103 -9.43 -17.88 -26.09
CA ARG B 103 -8.25 -18.71 -26.01
C ARG B 103 -7.72 -18.82 -24.60
N LEU B 104 -7.90 -17.80 -23.75
CA LEU B 104 -7.55 -17.97 -22.35
C LEU B 104 -8.51 -18.93 -21.66
N PHE B 105 -9.82 -18.75 -21.84
CA PHE B 105 -10.81 -19.73 -21.39
C PHE B 105 -11.15 -20.71 -22.50
N GLY B 106 -10.11 -21.22 -23.14
CA GLY B 106 -10.19 -22.44 -23.93
C GLY B 106 -8.96 -23.30 -23.76
N HIS B 107 -7.98 -22.82 -23.00
CA HIS B 107 -6.76 -23.52 -22.65
C HIS B 107 -6.61 -23.70 -21.15
N MET B 108 -7.24 -22.83 -20.36
CA MET B 108 -7.31 -23.00 -18.91
C MET B 108 -8.46 -23.90 -18.48
N MET B 109 -8.99 -24.74 -19.37
CA MET B 109 -10.01 -25.71 -19.04
C MET B 109 -9.64 -27.12 -19.50
N GLY B 110 -8.37 -27.35 -19.81
CA GLY B 110 -7.89 -28.68 -20.16
C GLY B 110 -6.50 -28.98 -19.61
N MET B 111 -5.96 -28.09 -18.77
CA MET B 111 -4.63 -28.24 -18.21
C MET B 111 -4.70 -28.97 -16.87
N PRO B 112 -3.55 -29.39 -16.32
CA PRO B 112 -3.58 -30.18 -15.09
C PRO B 112 -4.24 -29.45 -13.93
N VAL B 113 -4.88 -30.23 -13.05
CA VAL B 113 -5.61 -29.66 -11.93
C VAL B 113 -4.68 -28.96 -10.95
N SER B 114 -3.42 -29.39 -10.87
CA SER B 114 -2.49 -28.80 -9.91
C SER B 114 -2.26 -27.32 -10.17
N PHE B 115 -2.40 -26.89 -11.42
CA PHE B 115 -2.27 -25.46 -11.74
C PHE B 115 -3.35 -24.65 -11.05
N PHE B 116 -4.55 -25.21 -10.90
CA PHE B 116 -5.69 -24.48 -10.35
C PHE B 116 -5.73 -24.46 -8.83
N ASP B 117 -4.98 -25.33 -8.15
CA ASP B 117 -5.24 -25.58 -6.74
C ASP B 117 -4.86 -24.39 -5.87
N LYS B 118 -3.59 -23.99 -5.89
CA LYS B 118 -3.10 -22.92 -5.01
C LYS B 118 -2.17 -21.95 -5.73
N GLN B 119 -1.62 -22.34 -6.89
CA GLN B 119 -0.82 -21.38 -7.64
C GLN B 119 -1.66 -20.18 -8.08
N SER B 120 -2.96 -20.37 -8.30
CA SER B 120 -3.86 -19.27 -8.57
C SER B 120 -5.30 -19.73 -8.36
N THR B 121 -6.03 -19.06 -7.47
CA THR B 121 -7.42 -19.38 -7.16
C THR B 121 -8.38 -18.29 -7.62
N GLY B 122 -8.22 -17.07 -7.10
CA GLY B 122 -9.06 -15.95 -7.47
C GLY B 122 -8.33 -14.97 -8.36
N THR B 123 -7.00 -14.92 -8.23
CA THR B 123 -6.18 -14.09 -9.10
C THR B 123 -6.19 -14.56 -10.54
N LEU B 124 -6.64 -15.78 -10.83
CA LEU B 124 -6.65 -16.27 -12.19
C LEU B 124 -7.70 -15.60 -13.05
N LEU B 125 -8.70 -14.95 -12.44
CA LEU B 125 -9.67 -14.16 -13.19
C LEU B 125 -9.16 -12.76 -13.50
N SER B 126 -8.09 -12.31 -12.87
CA SER B 126 -7.43 -11.07 -13.25
C SER B 126 -6.74 -11.18 -14.59
N ARG B 127 -6.42 -12.39 -15.04
CA ARG B 127 -5.85 -12.63 -16.35
C ARG B 127 -6.90 -12.64 -17.45
N ILE B 128 -8.18 -12.71 -17.11
CA ILE B 128 -9.26 -12.61 -18.07
C ILE B 128 -9.94 -11.25 -18.04
N THR B 129 -9.98 -10.58 -16.89
CA THR B 129 -10.72 -9.34 -16.71
C THR B 129 -9.84 -8.09 -16.66
N TYR B 130 -8.62 -8.20 -16.12
CA TYR B 130 -7.76 -7.05 -15.90
C TYR B 130 -6.54 -7.03 -16.80
N ASP B 131 -5.73 -8.08 -16.81
CA ASP B 131 -4.53 -8.13 -17.64
C ASP B 131 -4.82 -8.47 -19.09
N SER B 132 -6.07 -8.79 -19.43
CA SER B 132 -6.49 -8.94 -20.81
C SER B 132 -7.15 -7.68 -21.36
N GLU B 133 -7.53 -6.75 -20.50
CA GLU B 133 -8.01 -5.43 -20.91
C GLU B 133 -6.91 -4.38 -20.81
N GLN B 134 -5.84 -4.67 -20.06
CA GLN B 134 -4.68 -3.78 -19.99
C GLN B 134 -3.72 -3.99 -21.16
N VAL B 135 -4.11 -4.79 -22.16
CA VAL B 135 -3.33 -4.95 -23.38
C VAL B 135 -3.94 -4.21 -24.55
N ALA B 136 -5.26 -4.02 -24.60
CA ALA B 136 -5.92 -3.18 -25.60
C ALA B 136 -6.29 -1.81 -25.04
N SER B 137 -5.96 -1.52 -23.78
CA SER B 137 -6.16 -0.21 -23.17
C SER B 137 -4.88 0.59 -23.03
N SER B 138 -3.71 -0.03 -23.25
CA SER B 138 -2.43 0.66 -23.29
C SER B 138 -1.66 0.31 -24.56
N SER B 139 -2.35 -0.21 -25.57
CA SER B 139 -1.81 -0.36 -26.91
C SER B 139 -2.64 0.34 -27.98
N SER B 140 -3.88 0.74 -27.67
CA SER B 140 -4.61 1.71 -28.46
C SER B 140 -4.50 3.12 -27.89
N GLY B 141 -4.22 3.26 -26.60
CA GLY B 141 -3.86 4.53 -26.00
C GLY B 141 -2.46 4.99 -26.31
N ALA B 142 -1.63 4.13 -26.91
CA ALA B 142 -0.35 4.51 -27.50
C ALA B 142 -0.41 4.45 -29.02
N LEU B 143 -1.62 4.51 -29.58
CA LEU B 143 -1.83 4.77 -30.99
C LEU B 143 -2.73 5.97 -31.24
N ILE B 144 -3.66 6.26 -30.32
CA ILE B 144 -4.40 7.52 -30.33
C ILE B 144 -3.43 8.65 -30.02
N THR B 145 -2.41 8.38 -29.20
CA THR B 145 -1.47 9.40 -28.77
C THR B 145 -0.22 9.44 -29.64
N VAL B 146 -0.22 8.80 -30.82
CA VAL B 146 0.87 8.91 -31.77
C VAL B 146 0.38 9.15 -33.19
N VAL B 147 -0.93 9.28 -33.41
CA VAL B 147 -1.48 9.67 -34.70
C VAL B 147 -2.33 10.93 -34.54
N ARG B 148 -2.85 11.17 -33.34
CA ARG B 148 -3.51 12.43 -33.03
C ARG B 148 -2.47 13.49 -32.66
N GLU B 149 -1.71 13.24 -31.59
CA GLU B 149 -0.63 14.14 -31.18
C GLU B 149 0.69 13.74 -31.82
N GLY B 150 0.64 13.41 -33.11
CA GLY B 150 1.78 13.43 -34.00
C GLY B 150 1.43 14.11 -35.31
N ALA B 151 0.13 14.33 -35.54
CA ALA B 151 -0.36 15.24 -36.56
C ALA B 151 -0.70 16.61 -35.99
N SER B 152 -0.93 16.71 -34.68
CA SER B 152 -1.13 17.99 -34.04
C SER B 152 0.15 18.82 -33.96
N ILE B 153 1.32 18.20 -34.12
CA ILE B 153 2.59 18.91 -34.23
C ILE B 153 3.12 18.89 -35.66
N ILE B 154 2.25 18.62 -36.64
CA ILE B 154 2.52 18.92 -38.04
C ILE B 154 1.60 20.05 -38.42
N GLY B 155 0.36 20.01 -37.93
CA GLY B 155 -0.54 21.13 -38.13
C GLY B 155 -0.02 22.40 -37.49
N LEU B 156 0.43 22.31 -36.24
CA LEU B 156 0.96 23.46 -35.53
C LEU B 156 2.39 23.79 -35.91
N PHE B 157 3.05 22.97 -36.74
CA PHE B 157 4.34 23.30 -37.32
C PHE B 157 4.24 23.93 -38.70
N ILE B 158 3.18 23.61 -39.44
CA ILE B 158 2.92 24.25 -40.72
C ILE B 158 2.15 25.56 -40.55
N MET B 159 1.20 25.64 -39.62
CA MET B 159 0.54 26.91 -39.35
C MET B 159 1.51 27.95 -38.81
N MET B 160 2.50 27.52 -38.02
CA MET B 160 3.47 28.45 -37.45
C MET B 160 4.46 28.95 -38.51
N PHE B 161 4.77 28.14 -39.52
CA PHE B 161 5.67 28.54 -40.58
C PHE B 161 4.98 29.31 -41.70
N TYR B 162 3.73 29.02 -41.98
CA TYR B 162 3.00 29.71 -43.05
C TYR B 162 2.69 31.16 -42.71
N TYR B 163 2.25 31.43 -41.47
CA TYR B 163 1.91 32.79 -41.10
C TYR B 163 3.13 33.68 -41.04
N SER B 164 4.25 33.16 -40.53
CA SER B 164 5.49 33.92 -40.47
C SER B 164 6.66 32.96 -40.35
N TRP B 165 7.51 32.96 -41.37
CA TRP B 165 8.67 32.08 -41.41
C TRP B 165 9.92 32.69 -40.81
N GLN B 166 9.90 33.97 -40.44
CA GLN B 166 11.04 34.64 -39.85
C GLN B 166 11.00 34.65 -38.33
N LEU B 167 9.81 34.67 -37.74
CA LEU B 167 9.66 34.57 -36.29
C LEU B 167 9.46 33.14 -35.82
N SER B 168 9.07 32.23 -36.72
CA SER B 168 8.90 30.83 -36.39
C SER B 168 10.16 30.00 -36.58
N ILE B 169 11.22 30.59 -37.12
CA ILE B 169 12.54 29.97 -37.17
C ILE B 169 13.46 30.49 -36.07
N ILE B 170 13.10 31.58 -35.40
CA ILE B 170 13.77 32.02 -34.18
C ILE B 170 13.04 31.49 -32.94
N LEU B 171 12.18 30.47 -33.12
CA LEU B 171 11.58 29.74 -32.02
C LEU B 171 11.88 28.25 -32.07
N ILE B 172 12.50 27.77 -33.15
CA ILE B 172 13.03 26.40 -33.21
C ILE B 172 14.56 26.39 -33.08
N VAL B 173 15.24 27.45 -33.51
CA VAL B 173 16.66 27.59 -33.22
C VAL B 173 16.91 28.08 -31.79
N LEU B 174 15.93 28.77 -31.20
CA LEU B 174 16.11 29.43 -29.91
C LEU B 174 15.45 28.68 -28.76
N ALA B 175 14.95 27.47 -29.03
CA ALA B 175 14.24 26.67 -28.01
C ALA B 175 15.15 25.60 -27.38
N PRO B 176 15.99 24.85 -28.13
CA PRO B 176 16.91 23.89 -27.50
C PRO B 176 17.88 24.64 -26.57
N ILE B 177 18.36 25.81 -27.00
CA ILE B 177 19.25 26.65 -26.12
C ILE B 177 18.57 26.80 -24.76
N VAL B 178 17.25 27.07 -24.76
CA VAL B 178 16.52 27.26 -23.51
C VAL B 178 16.32 25.95 -22.79
N SER B 179 16.01 24.86 -23.50
CA SER B 179 15.76 23.58 -22.85
C SER B 179 17.00 23.00 -22.20
N ILE B 180 18.15 23.01 -22.88
CA ILE B 180 19.36 22.47 -22.28
C ILE B 180 19.80 23.33 -21.10
N ALA B 181 19.63 24.65 -21.22
CA ALA B 181 19.94 25.53 -20.09
C ALA B 181 19.05 25.25 -18.89
N ILE B 182 17.74 25.08 -19.11
CA ILE B 182 16.85 24.76 -18.01
C ILE B 182 17.23 23.42 -17.38
N ARG B 183 17.50 22.40 -18.20
CA ARG B 183 17.85 21.10 -17.66
C ARG B 183 19.16 21.11 -16.87
N VAL B 184 20.20 21.79 -17.39
CA VAL B 184 21.49 21.81 -16.69
C VAL B 184 21.49 22.76 -15.51
N VAL B 185 20.56 23.71 -15.44
CA VAL B 185 20.42 24.55 -14.26
C VAL B 185 19.64 23.79 -13.20
N SER B 186 18.65 23.01 -13.62
CA SER B 186 17.87 22.21 -12.68
C SER B 186 18.67 21.05 -12.11
N LYS B 187 19.56 20.45 -12.89
CA LYS B 187 20.37 19.34 -12.39
C LYS B 187 21.31 19.80 -11.27
N ARG B 188 21.90 20.99 -11.42
CA ARG B 188 22.82 21.49 -10.41
C ARG B 188 22.13 21.79 -9.09
N PHE B 189 20.86 22.24 -9.12
CA PHE B 189 20.09 22.48 -7.90
C PHE B 189 19.35 21.23 -7.43
N ARG B 190 19.33 20.17 -8.24
CA ARG B 190 18.78 18.90 -7.82
C ARG B 190 19.80 17.97 -7.19
N ASN B 191 21.08 18.08 -7.56
CA ASN B 191 22.14 17.32 -6.90
C ASN B 191 22.78 18.09 -5.75
N ILE B 192 22.35 19.32 -5.47
CA ILE B 192 22.76 20.06 -4.27
C ILE B 192 21.73 19.81 -3.19
N SER B 193 20.46 19.83 -3.57
CA SER B 193 19.37 19.52 -2.65
C SER B 193 19.36 18.06 -2.20
N LYS B 194 20.10 17.20 -2.90
CA LYS B 194 20.30 15.81 -2.49
C LYS B 194 21.59 15.60 -1.71
N ASN B 195 22.61 16.41 -1.95
CA ASN B 195 23.80 16.37 -1.10
C ASN B 195 23.51 16.96 0.28
N MET B 196 22.69 18.00 0.35
CA MET B 196 22.28 18.57 1.63
C MET B 196 21.20 17.77 2.33
N GLN B 197 20.62 16.77 1.66
CA GLN B 197 19.56 15.97 2.27
C GLN B 197 20.09 14.96 3.28
N ASN B 198 21.29 14.42 3.05
CA ASN B 198 21.87 13.42 3.94
C ASN B 198 22.34 14.02 5.26
N THR B 199 22.68 15.31 5.30
CA THR B 199 23.00 15.92 6.58
C THR B 199 21.79 15.93 7.51
N MET B 200 20.60 16.16 6.97
CA MET B 200 19.38 16.03 7.77
C MET B 200 19.20 14.62 8.29
N GLY B 201 19.54 13.59 7.53
CA GLY B 201 19.50 12.23 8.03
C GLY B 201 20.50 12.00 9.15
N GLN B 202 21.71 12.53 8.97
CA GLN B 202 22.75 12.42 9.98
C GLN B 202 22.43 13.17 11.26
N VAL B 203 21.58 14.20 11.19
CA VAL B 203 21.10 14.88 12.39
C VAL B 203 19.89 14.18 12.98
N THR B 204 19.01 13.64 12.13
CA THR B 204 17.85 12.90 12.62
C THR B 204 18.27 11.66 13.38
N THR B 205 19.28 10.94 12.90
CA THR B 205 19.77 9.79 13.64
C THR B 205 20.42 10.21 14.96
N SER B 206 21.10 11.36 14.98
CA SER B 206 21.64 11.87 16.24
C SER B 206 20.55 12.19 17.24
N ALA B 207 19.43 12.75 16.79
CA ALA B 207 18.26 12.93 17.64
C ALA B 207 17.63 11.62 18.05
N GLU B 208 17.67 10.61 17.17
CA GLU B 208 17.13 9.29 17.47
C GLU B 208 17.93 8.58 18.55
N GLN B 209 19.24 8.80 18.59
CA GLN B 209 20.12 8.10 19.53
C GLN B 209 20.06 8.66 20.96
N MET B 210 19.05 9.48 21.28
CA MET B 210 18.76 9.87 22.65
C MET B 210 17.35 9.56 23.09
N LEU B 211 16.44 9.22 22.17
CA LEU B 211 15.12 8.74 22.54
C LEU B 211 15.12 7.29 23.00
N LYS B 212 16.18 6.53 22.72
CA LYS B 212 16.20 5.11 23.04
C LYS B 212 16.53 4.83 24.50
N GLY B 213 17.50 5.54 25.06
CA GLY B 213 17.96 5.25 26.40
C GLY B 213 17.18 5.96 27.49
N HIS B 214 15.85 5.96 27.37
CA HIS B 214 15.01 6.70 28.32
C HIS B 214 15.22 6.18 29.74
N LYS B 215 15.38 4.87 29.90
CA LYS B 215 15.63 4.32 31.22
C LYS B 215 16.94 4.85 31.80
N GLU B 216 17.98 4.94 30.97
CA GLU B 216 19.23 5.55 31.40
C GLU B 216 19.08 7.05 31.64
N VAL B 217 18.21 7.72 30.88
CA VAL B 217 17.98 9.14 31.14
C VAL B 217 17.34 9.33 32.51
N LEU B 218 16.44 8.44 32.91
CA LEU B 218 15.76 8.60 34.19
C LEU B 218 16.63 8.16 35.36
N ILE B 219 17.16 6.94 35.31
CA ILE B 219 17.77 6.33 36.49
C ILE B 219 19.02 7.10 36.92
N PHE B 220 19.79 7.60 35.96
CA PHE B 220 21.03 8.30 36.29
C PHE B 220 20.80 9.74 36.74
N GLY B 221 19.56 10.23 36.72
CA GLY B 221 19.22 11.51 37.26
C GLY B 221 19.33 12.67 36.29
N GLY B 222 19.88 12.45 35.10
CA GLY B 222 20.06 13.52 34.16
C GLY B 222 18.86 13.73 33.26
N GLN B 223 17.97 14.65 33.66
CA GLN B 223 16.84 15.08 32.84
C GLN B 223 17.04 16.47 32.25
N GLU B 224 18.02 17.23 32.74
CA GLU B 224 18.33 18.56 32.24
C GLU B 224 19.44 18.57 31.21
N VAL B 225 20.42 17.65 31.31
CA VAL B 225 21.43 17.57 30.27
C VAL B 225 20.81 17.13 28.95
N GLU B 226 19.86 16.19 28.99
CA GLU B 226 19.22 15.69 27.78
C GLU B 226 18.29 16.70 27.13
N THR B 227 17.79 17.70 27.87
CA THR B 227 16.97 18.75 27.29
C THR B 227 17.77 20.00 26.95
N LYS B 228 18.96 20.16 27.52
CA LYS B 228 19.90 21.20 27.07
C LYS B 228 20.76 20.74 25.90
N ARG B 229 20.80 19.44 25.62
CA ARG B 229 21.41 18.93 24.40
C ARG B 229 20.44 18.90 23.23
N PHE B 230 19.15 18.67 23.46
CA PHE B 230 18.18 18.80 22.39
C PHE B 230 18.03 20.25 21.94
N ASP B 231 18.27 21.22 22.82
CA ASP B 231 18.29 22.62 22.41
C ASP B 231 19.35 22.91 21.36
N LYS B 232 20.43 22.11 21.32
CA LYS B 232 21.46 22.22 20.31
C LYS B 232 21.25 21.27 19.13
N VAL B 233 20.63 20.12 19.35
CA VAL B 233 20.38 19.18 18.25
C VAL B 233 19.21 19.63 17.38
N SER B 234 18.24 20.35 17.94
CA SER B 234 17.07 20.82 17.18
C SER B 234 17.31 22.22 16.62
N ASN B 235 18.20 22.99 17.22
CA ASN B 235 18.61 24.27 16.67
C ASN B 235 19.45 24.09 15.41
N ARG B 236 20.04 22.91 15.24
CA ARG B 236 20.70 22.54 14.00
C ARG B 236 19.73 22.01 12.96
N MET B 237 18.65 21.35 13.37
CA MET B 237 17.67 20.87 12.41
C MET B 237 17.00 21.99 11.64
N ARG B 238 16.60 23.07 12.29
CA ARG B 238 16.00 24.17 11.54
C ARG B 238 17.02 24.86 10.63
N LEU B 239 18.27 25.03 11.09
CA LEU B 239 19.27 25.69 10.26
C LEU B 239 19.67 24.85 9.07
N GLN B 240 19.63 23.52 9.17
CA GLN B 240 19.90 22.64 8.04
C GLN B 240 18.64 22.30 7.25
N GLY B 241 17.46 22.69 7.74
CA GLY B 241 16.23 22.48 7.00
C GLY B 241 15.86 23.69 6.17
N MET B 242 16.04 24.88 6.70
CA MET B 242 15.81 26.10 5.94
C MET B 242 16.86 26.30 4.85
N LYS B 243 18.04 25.71 5.00
CA LYS B 243 19.01 25.70 3.90
C LYS B 243 18.45 24.93 2.71
N MET B 244 17.79 23.79 2.94
CA MET B 244 17.19 23.04 1.87
C MET B 244 16.05 23.78 1.18
N VAL B 245 15.45 24.77 1.85
CA VAL B 245 14.38 25.56 1.25
C VAL B 245 15.00 26.73 0.49
N SER B 246 16.05 27.32 1.05
CA SER B 246 16.77 28.40 0.37
C SER B 246 17.51 27.92 -0.87
N ALA B 247 17.88 26.64 -0.93
CA ALA B 247 18.52 26.07 -2.10
C ALA B 247 17.55 25.44 -3.08
N SER B 248 16.24 25.45 -2.79
CA SER B 248 15.21 25.00 -3.71
C SER B 248 14.31 26.12 -4.21
N SER B 249 14.18 27.21 -3.45
CA SER B 249 13.44 28.39 -3.89
C SER B 249 14.28 29.33 -4.73
N ILE B 250 15.56 29.01 -4.96
CA ILE B 250 16.38 29.69 -5.94
C ILE B 250 16.28 29.04 -7.32
N SER B 251 15.88 27.78 -7.40
CA SER B 251 15.80 27.09 -8.70
C SER B 251 14.74 27.72 -9.59
N ASP B 252 13.52 27.88 -9.06
CA ASP B 252 12.40 28.35 -9.88
C ASP B 252 12.60 29.78 -10.36
N PRO B 253 12.99 30.73 -9.51
CA PRO B 253 13.24 32.10 -9.99
C PRO B 253 14.31 32.20 -11.07
N ILE B 254 15.29 31.32 -11.10
CA ILE B 254 16.34 31.36 -12.11
C ILE B 254 15.88 30.72 -13.41
N ILE B 255 15.23 29.56 -13.36
CA ILE B 255 14.76 28.92 -14.59
C ILE B 255 13.53 29.59 -15.15
N GLN B 256 12.90 30.51 -14.41
CA GLN B 256 11.94 31.43 -14.98
C GLN B 256 12.60 32.61 -15.68
N LEU B 257 13.67 33.16 -15.11
CA LEU B 257 14.42 34.22 -15.76
C LEU B 257 15.10 33.75 -17.04
N ILE B 258 15.64 32.53 -17.05
CA ILE B 258 16.25 32.00 -18.26
C ILE B 258 15.23 31.82 -19.38
N ALA B 259 13.99 31.45 -19.05
CA ALA B 259 12.93 31.34 -20.04
C ALA B 259 12.38 32.70 -20.47
N SER B 260 12.34 33.68 -19.56
CA SER B 260 11.91 35.02 -19.90
C SER B 260 12.92 35.78 -20.74
N LEU B 261 14.22 35.49 -20.60
CA LEU B 261 15.20 36.08 -21.48
C LEU B 261 15.00 35.69 -22.94
N ALA B 262 14.61 34.44 -23.21
CA ALA B 262 14.29 34.06 -24.58
C ALA B 262 13.12 34.86 -25.12
N LEU B 263 12.08 35.05 -24.32
CA LEU B 263 10.96 35.89 -24.73
C LEU B 263 11.39 37.32 -24.98
N ALA B 264 12.25 37.88 -24.14
CA ALA B 264 12.74 39.23 -24.34
C ALA B 264 13.52 39.33 -25.65
N PHE B 265 14.38 38.34 -25.92
CA PHE B 265 15.18 38.38 -27.14
C PHE B 265 14.31 38.21 -28.38
N VAL B 266 13.26 37.41 -28.31
CA VAL B 266 12.39 37.23 -29.47
C VAL B 266 11.69 38.54 -29.81
N LEU B 267 11.17 39.24 -28.79
CA LEU B 267 10.55 40.54 -29.05
C LEU B 267 11.57 41.55 -29.55
N TYR B 268 12.79 41.52 -29.00
CA TYR B 268 13.81 42.46 -29.45
C TYR B 268 14.22 42.19 -30.89
N ALA B 269 14.13 40.93 -31.32
CA ALA B 269 14.50 40.59 -32.70
C ALA B 269 13.56 41.26 -33.70
N ALA B 270 12.27 41.31 -33.38
CA ALA B 270 11.29 41.91 -34.28
C ALA B 270 11.49 43.41 -34.43
N SER B 271 12.24 44.05 -33.54
CA SER B 271 12.47 45.49 -33.67
C SER B 271 13.23 45.81 -34.95
N PHE B 272 14.30 45.06 -35.25
CA PHE B 272 15.15 45.35 -36.39
C PHE B 272 14.37 45.16 -37.69
N PRO B 273 14.01 46.23 -38.43
CA PRO B 273 13.17 46.04 -39.62
C PRO B 273 13.97 45.73 -40.88
N SER B 274 15.26 45.41 -40.74
CA SER B 274 16.13 45.20 -41.89
C SER B 274 15.87 43.82 -42.51
N VAL B 275 14.65 43.66 -43.04
CA VAL B 275 14.18 42.41 -43.61
C VAL B 275 14.36 41.30 -42.58
N MET B 276 13.66 41.41 -41.45
CA MET B 276 13.69 40.38 -40.42
C MET B 276 12.30 40.15 -39.81
N ASP B 277 11.42 41.15 -39.85
CA ASP B 277 10.07 40.99 -39.30
C ASP B 277 9.13 42.07 -39.79
N SER B 278 7.97 41.65 -40.33
CA SER B 278 6.87 42.54 -40.68
C SER B 278 5.56 41.81 -40.37
N LEU B 279 5.05 42.01 -39.16
CA LEU B 279 3.87 41.32 -38.67
C LEU B 279 2.74 42.33 -38.44
N THR B 280 1.54 41.80 -38.19
CA THR B 280 0.31 42.60 -38.21
C THR B 280 -0.56 42.31 -36.98
N ALA B 281 0.07 42.00 -35.85
CA ALA B 281 -0.62 41.95 -34.55
C ALA B 281 -1.58 40.77 -34.39
N GLY B 282 -1.76 39.96 -35.43
CA GLY B 282 -2.50 38.71 -35.33
C GLY B 282 -1.58 37.56 -35.67
N THR B 283 -0.58 37.83 -36.52
CA THR B 283 0.49 36.88 -36.75
C THR B 283 1.36 36.67 -35.52
N ILE B 284 1.38 37.63 -34.58
CA ILE B 284 2.10 37.49 -33.32
C ILE B 284 1.19 36.97 -32.22
N THR B 285 -0.01 36.50 -32.55
CA THR B 285 -0.85 35.76 -31.63
C THR B 285 -1.24 34.38 -32.15
N VAL B 286 -1.16 34.17 -33.46
CA VAL B 286 -1.29 32.82 -34.01
C VAL B 286 0.05 32.08 -33.97
N VAL B 287 1.17 32.80 -34.11
CA VAL B 287 2.48 32.17 -34.04
C VAL B 287 2.96 32.02 -32.60
N PHE B 288 2.58 32.94 -31.71
CA PHE B 288 3.01 32.91 -30.33
C PHE B 288 2.06 32.14 -29.42
N SER B 289 0.90 31.72 -29.92
CA SER B 289 -0.02 30.86 -29.18
C SER B 289 0.05 29.41 -29.62
N SER B 290 0.41 29.14 -30.87
CA SER B 290 0.66 27.77 -31.28
C SER B 290 1.81 27.17 -30.49
N MET B 291 2.88 27.94 -30.28
CA MET B 291 4.00 27.48 -29.47
C MET B 291 3.59 27.17 -28.03
N ILE B 292 2.59 27.87 -27.49
CA ILE B 292 2.05 27.50 -26.20
C ILE B 292 1.27 26.19 -26.33
N ALA B 293 0.50 26.06 -27.42
CA ALA B 293 -0.31 24.87 -27.65
C ALA B 293 0.45 23.76 -28.37
N LEU B 294 1.78 23.88 -28.45
CA LEU B 294 2.63 22.86 -29.08
C LEU B 294 3.45 22.08 -28.07
N MET B 295 3.25 22.32 -26.76
CA MET B 295 4.02 21.66 -25.72
C MET B 295 3.27 20.54 -25.02
N ARG B 296 1.93 20.58 -24.97
CA ARG B 296 1.18 19.42 -24.50
C ARG B 296 1.37 18.22 -25.44
N PRO B 297 1.26 18.37 -26.76
CA PRO B 297 1.47 17.22 -27.65
C PRO B 297 2.92 16.84 -27.84
N LEU B 298 3.88 17.55 -27.23
CA LEU B 298 5.26 17.12 -27.14
C LEU B 298 5.62 16.54 -25.79
N LYS B 299 4.90 16.90 -24.72
CA LYS B 299 5.02 16.21 -23.45
C LYS B 299 4.30 14.87 -23.45
N SER B 300 3.21 14.74 -24.21
CA SER B 300 2.48 13.48 -24.28
C SER B 300 3.02 12.52 -25.33
N LEU B 301 3.86 12.97 -26.26
CA LEU B 301 4.47 12.07 -27.23
C LEU B 301 5.72 11.37 -26.69
N THR B 302 6.30 11.86 -25.59
CA THR B 302 7.43 11.17 -25.00
C THR B 302 7.02 9.87 -24.34
N ASN B 303 5.83 9.84 -23.74
CA ASN B 303 5.32 8.66 -23.03
C ASN B 303 4.53 7.76 -23.98
N VAL B 304 5.17 7.39 -25.09
CA VAL B 304 4.62 6.41 -26.01
C VAL B 304 5.25 5.04 -25.87
N ASN B 305 6.58 4.94 -25.82
CA ASN B 305 7.22 3.66 -25.52
C ASN B 305 7.20 3.33 -24.04
N ALA B 306 6.79 4.26 -23.18
CA ALA B 306 6.51 3.97 -21.78
C ALA B 306 5.09 3.45 -21.56
N GLN B 307 4.24 3.51 -22.59
CA GLN B 307 2.91 2.91 -22.55
C GLN B 307 2.77 1.69 -23.46
N PHE B 308 3.50 1.63 -24.57
CA PHE B 308 3.48 0.48 -25.45
C PHE B 308 4.23 -0.71 -24.86
N GLN B 309 5.03 -0.49 -23.80
CA GLN B 309 5.68 -1.57 -23.07
C GLN B 309 5.00 -1.86 -21.74
N ARG B 310 4.11 -0.98 -21.28
CA ARG B 310 3.21 -1.27 -20.18
C ARG B 310 1.94 -1.98 -20.64
N GLY B 311 1.73 -2.10 -21.95
CA GLY B 311 0.57 -2.76 -22.51
C GLY B 311 0.93 -3.84 -23.51
N MET B 312 2.23 -4.13 -23.67
CA MET B 312 2.67 -5.29 -24.43
C MET B 312 3.67 -6.14 -23.64
N ALA B 313 4.05 -5.71 -22.45
CA ALA B 313 4.67 -6.58 -21.45
C ALA B 313 3.64 -7.31 -20.62
N ALA B 314 2.49 -6.69 -20.38
CA ALA B 314 1.35 -7.38 -19.79
C ALA B 314 0.67 -8.32 -20.79
N CYS B 315 1.02 -8.23 -22.08
CA CYS B 315 0.58 -9.19 -23.07
C CYS B 315 1.43 -10.45 -23.07
N GLN B 316 2.60 -10.41 -22.45
CA GLN B 316 3.43 -11.59 -22.23
C GLN B 316 2.95 -12.44 -21.07
N THR B 317 2.38 -11.81 -20.04
CA THR B 317 1.77 -12.58 -18.97
C THR B 317 0.62 -13.44 -19.47
N LEU B 318 -0.09 -12.99 -20.51
CA LEU B 318 -1.11 -13.81 -21.14
C LEU B 318 -0.54 -14.87 -22.06
N PHE B 319 0.54 -14.59 -22.78
CA PHE B 319 1.13 -15.56 -23.69
C PHE B 319 2.00 -16.59 -22.98
N THR B 320 2.32 -16.39 -21.70
CA THR B 320 2.92 -17.45 -20.90
C THR B 320 1.87 -18.42 -20.38
N ILE B 321 0.74 -17.91 -19.87
CA ILE B 321 -0.36 -18.77 -19.49
C ILE B 321 -0.87 -19.53 -20.70
N LEU B 322 -1.03 -18.85 -21.82
CA LEU B 322 -1.26 -19.50 -23.09
C LEU B 322 0.04 -20.19 -23.51
N ASP B 323 -0.10 -21.24 -24.34
CA ASP B 323 1.05 -21.97 -24.86
C ASP B 323 1.84 -22.64 -23.74
N SER B 324 1.16 -22.98 -22.65
CA SER B 324 1.75 -23.73 -21.55
C SER B 324 1.56 -25.21 -21.81
N GLU B 325 1.86 -26.05 -20.82
CA GLU B 325 1.76 -27.49 -20.96
C GLU B 325 0.36 -27.92 -20.52
N GLN B 326 -0.42 -28.44 -21.46
CA GLN B 326 -1.75 -28.96 -21.16
C GLN B 326 -1.62 -30.32 -20.47
N GLU B 327 -2.75 -30.90 -20.11
CA GLU B 327 -2.76 -32.15 -19.38
C GLU B 327 -2.22 -33.28 -20.25
N LYS B 328 -1.58 -34.25 -19.60
CA LYS B 328 -0.89 -35.33 -20.30
C LYS B 328 -1.93 -36.26 -20.91
N ASP B 329 -2.17 -36.11 -22.22
CA ASP B 329 -3.14 -36.90 -22.95
C ASP B 329 -2.51 -38.13 -23.60
N GLU B 330 -1.38 -38.61 -23.09
CA GLU B 330 -0.72 -39.76 -23.67
C GLU B 330 -1.57 -41.01 -23.46
N GLY B 331 -1.55 -41.88 -24.45
CA GLY B 331 -2.36 -43.10 -24.43
C GLY B 331 -3.71 -42.90 -25.08
N LYS B 332 -4.11 -43.90 -25.88
CA LYS B 332 -5.34 -43.82 -26.66
C LYS B 332 -6.17 -45.10 -26.59
N ARG B 333 -5.93 -45.98 -25.63
CA ARG B 333 -6.78 -47.15 -25.45
C ARG B 333 -8.18 -46.73 -25.05
N VAL B 334 -9.17 -47.48 -25.52
CA VAL B 334 -10.59 -47.16 -25.34
C VAL B 334 -11.19 -48.13 -24.35
N ILE B 335 -12.03 -47.59 -23.46
CA ILE B 335 -12.80 -48.39 -22.49
C ILE B 335 -14.24 -47.90 -22.54
N GLU B 336 -15.18 -48.84 -22.64
CA GLU B 336 -16.60 -48.52 -22.68
C GLU B 336 -17.24 -48.61 -21.29
N ARG B 337 -17.09 -49.74 -20.62
CA ARG B 337 -17.57 -49.91 -19.26
C ARG B 337 -16.53 -50.71 -18.48
N ALA B 338 -16.06 -50.15 -17.37
CA ALA B 338 -15.01 -50.78 -16.56
C ALA B 338 -15.65 -51.90 -15.74
N THR B 339 -15.95 -53.01 -16.42
CA THR B 339 -16.50 -54.20 -15.77
C THR B 339 -15.36 -55.02 -15.17
N GLY B 340 -14.77 -54.45 -14.15
CA GLY B 340 -13.63 -55.06 -13.48
C GLY B 340 -13.45 -54.50 -12.10
N ASP B 341 -12.19 -54.35 -11.69
CA ASP B 341 -11.85 -53.87 -10.36
C ASP B 341 -10.66 -52.94 -10.43
N VAL B 342 -10.69 -51.87 -9.64
CA VAL B 342 -9.55 -50.98 -9.48
C VAL B 342 -8.60 -51.61 -8.47
N GLU B 343 -7.35 -51.81 -8.88
CA GLU B 343 -6.35 -52.55 -8.09
C GLU B 343 -5.12 -51.67 -7.90
N PHE B 344 -5.11 -50.90 -6.82
CA PHE B 344 -3.90 -50.22 -6.39
C PHE B 344 -2.84 -51.25 -6.02
N ARG B 345 -1.60 -50.99 -6.42
CA ARG B 345 -0.51 -51.93 -6.17
C ARG B 345 0.80 -51.15 -6.05
N ASN B 346 1.21 -50.87 -4.82
CA ASN B 346 2.51 -50.27 -4.52
C ASN B 346 2.67 -48.92 -5.20
N VAL B 347 1.82 -47.98 -4.80
CA VAL B 347 1.75 -46.65 -5.40
C VAL B 347 2.12 -45.61 -4.35
N THR B 348 3.02 -44.70 -4.73
CA THR B 348 3.44 -43.58 -3.90
C THR B 348 3.26 -42.29 -4.69
N PHE B 349 2.78 -41.25 -4.01
CA PHE B 349 2.45 -40.00 -4.67
C PHE B 349 2.64 -38.85 -3.70
N THR B 350 3.12 -37.71 -4.21
CA THR B 350 3.27 -36.49 -3.46
C THR B 350 2.70 -35.32 -4.26
N TYR B 351 2.13 -34.36 -3.54
CA TYR B 351 1.56 -33.18 -4.19
C TYR B 351 2.67 -32.37 -4.85
N PRO B 352 2.46 -31.81 -6.05
CA PRO B 352 3.39 -30.78 -6.53
C PRO B 352 3.39 -29.58 -5.60
N GLY B 353 4.55 -28.93 -5.51
CA GLY B 353 4.74 -27.80 -4.61
C GLY B 353 5.22 -28.17 -3.22
N ARG B 354 5.31 -29.46 -2.91
CA ARG B 354 5.84 -29.93 -1.64
C ARG B 354 6.69 -31.17 -1.90
N ASP B 355 7.51 -31.51 -0.90
CA ASP B 355 8.47 -32.60 -1.02
C ASP B 355 8.18 -33.73 -0.04
N VAL B 356 7.52 -33.43 1.06
CA VAL B 356 7.21 -34.46 2.06
C VAL B 356 6.22 -35.45 1.45
N PRO B 357 6.45 -36.77 1.52
CA PRO B 357 5.48 -37.69 0.92
C PRO B 357 4.13 -37.63 1.61
N ALA B 358 3.10 -37.28 0.83
CA ALA B 358 1.74 -37.28 1.34
C ALA B 358 1.16 -38.69 1.42
N LEU B 359 1.62 -39.59 0.56
CA LEU B 359 1.10 -40.95 0.54
C LEU B 359 2.18 -41.86 -0.03
N ARG B 360 2.76 -42.71 0.82
CA ARG B 360 3.80 -43.65 0.42
C ARG B 360 3.14 -44.88 -0.20
N ASN B 361 3.89 -45.97 -0.32
CA ASN B 361 3.41 -47.20 -0.95
C ASN B 361 2.12 -47.72 -0.32
N ILE B 362 1.04 -47.78 -1.11
CA ILE B 362 -0.24 -48.34 -0.69
C ILE B 362 -0.58 -49.51 -1.60
N ASN B 363 -1.28 -50.50 -1.05
CA ASN B 363 -1.82 -51.62 -1.80
C ASN B 363 -3.29 -51.79 -1.41
N LEU B 364 -4.19 -51.36 -2.30
CA LEU B 364 -5.63 -51.39 -2.05
C LEU B 364 -6.31 -52.16 -3.18
N LYS B 365 -7.48 -52.72 -2.86
CA LYS B 365 -8.27 -53.51 -3.79
C LYS B 365 -9.72 -53.02 -3.75
N ILE B 366 -10.35 -52.99 -4.93
CA ILE B 366 -11.74 -52.60 -5.07
C ILE B 366 -12.43 -53.66 -5.93
N PRO B 367 -12.73 -54.84 -5.40
CA PRO B 367 -13.27 -55.91 -6.25
C PRO B 367 -14.66 -55.56 -6.78
N ALA B 368 -15.09 -56.35 -7.76
CA ALA B 368 -16.39 -56.14 -8.38
C ALA B 368 -17.51 -56.38 -7.38
N GLY B 369 -18.50 -55.49 -7.39
CA GLY B 369 -19.63 -55.62 -6.48
C GLY B 369 -19.25 -55.59 -5.02
N LYS B 370 -18.30 -54.71 -4.65
CA LYS B 370 -17.80 -54.60 -3.29
C LYS B 370 -17.57 -53.14 -2.97
N THR B 371 -17.35 -52.87 -1.67
CA THR B 371 -17.14 -51.52 -1.18
C THR B 371 -15.98 -51.52 -0.18
N VAL B 372 -15.31 -50.38 -0.07
CA VAL B 372 -14.19 -50.20 0.84
C VAL B 372 -14.32 -48.83 1.50
N ALA B 373 -14.01 -48.77 2.79
CA ALA B 373 -14.04 -47.53 3.57
C ALA B 373 -12.61 -47.14 3.92
N LEU B 374 -12.18 -45.97 3.47
CA LEU B 374 -10.83 -45.47 3.71
C LEU B 374 -10.84 -44.52 4.90
N VAL B 375 -11.04 -45.11 6.08
CA VAL B 375 -10.99 -44.38 7.34
C VAL B 375 -9.54 -43.99 7.61
N GLY B 376 -9.30 -43.20 8.65
CA GLY B 376 -8.10 -42.39 8.73
C GLY B 376 -8.44 -40.92 8.92
N ARG B 377 -9.50 -40.67 9.68
CA ARG B 377 -10.13 -39.36 9.84
C ARG B 377 -9.26 -38.28 10.47
N SER B 378 -8.01 -38.59 10.82
CA SER B 378 -7.11 -37.59 11.39
C SER B 378 -6.92 -36.38 10.47
N GLY B 379 -7.10 -36.55 9.16
CA GLY B 379 -7.11 -35.45 8.22
C GLY B 379 -6.00 -35.45 7.19
N SER B 380 -5.39 -36.60 6.89
CA SER B 380 -4.34 -36.68 5.90
C SER B 380 -4.26 -38.10 5.36
N GLY B 381 -4.10 -38.21 4.04
CA GLY B 381 -3.89 -39.48 3.39
C GLY B 381 -5.12 -40.08 2.74
N LYS B 382 -6.27 -40.02 3.41
CA LYS B 382 -7.46 -40.67 2.87
C LYS B 382 -8.05 -39.87 1.71
N SER B 383 -8.02 -38.54 1.81
CA SER B 383 -8.61 -37.71 0.74
C SER B 383 -7.84 -37.85 -0.56
N THR B 384 -6.56 -38.20 -0.50
CA THR B 384 -5.72 -38.31 -1.69
C THR B 384 -5.94 -39.61 -2.45
N ILE B 385 -6.75 -40.53 -1.95
CA ILE B 385 -6.94 -41.84 -2.57
C ILE B 385 -8.22 -41.83 -3.41
N ALA B 386 -8.66 -40.65 -3.84
CA ALA B 386 -9.78 -40.48 -4.74
C ALA B 386 -9.44 -39.70 -5.99
N SER B 387 -8.49 -38.77 -5.89
CA SER B 387 -8.07 -38.01 -7.06
C SER B 387 -7.31 -38.88 -8.05
N LEU B 388 -6.54 -39.85 -7.55
CA LEU B 388 -5.66 -40.62 -8.43
C LEU B 388 -6.43 -41.51 -9.38
N ILE B 389 -7.61 -41.99 -8.98
CA ILE B 389 -8.38 -42.86 -9.86
C ILE B 389 -8.86 -42.10 -11.09
N THR B 390 -9.21 -40.83 -10.91
CA THR B 390 -9.64 -39.98 -12.02
C THR B 390 -8.49 -39.24 -12.69
N ARG B 391 -7.24 -39.49 -12.27
CA ARG B 391 -6.06 -38.85 -12.85
C ARG B 391 -6.12 -37.32 -12.76
N PHE B 392 -6.73 -36.80 -11.69
CA PHE B 392 -6.61 -35.37 -11.44
C PHE B 392 -5.17 -35.01 -11.13
N TYR B 393 -4.49 -35.86 -10.36
CA TYR B 393 -3.05 -35.76 -10.11
C TYR B 393 -2.39 -37.03 -10.65
N ASP B 394 -1.24 -36.86 -11.29
CA ASP B 394 -0.47 -38.02 -11.72
C ASP B 394 0.33 -38.58 -10.54
N ILE B 395 0.69 -39.86 -10.66
CA ILE B 395 1.35 -40.59 -9.58
C ILE B 395 2.87 -40.49 -9.76
N ASP B 396 3.58 -40.39 -8.63
CA ASP B 396 5.04 -40.31 -8.68
C ASP B 396 5.64 -41.63 -9.15
N GLU B 397 5.37 -42.70 -8.42
CA GLU B 397 5.86 -44.03 -8.76
C GLU B 397 4.78 -45.05 -8.46
N GLY B 398 4.95 -46.25 -9.01
CA GLY B 398 3.97 -47.30 -8.90
C GLY B 398 3.03 -47.32 -10.09
N GLU B 399 1.95 -48.08 -9.93
CA GLU B 399 0.96 -48.25 -10.98
C GLU B 399 -0.42 -48.43 -10.37
N ILE B 400 -1.40 -47.73 -10.92
CA ILE B 400 -2.81 -47.92 -10.58
C ILE B 400 -3.46 -48.63 -11.76
N LEU B 401 -4.06 -49.79 -11.49
CA LEU B 401 -4.58 -50.68 -12.53
C LEU B 401 -6.10 -50.69 -12.46
N MET B 402 -6.75 -50.43 -13.60
CA MET B 402 -8.20 -50.45 -13.71
C MET B 402 -8.58 -51.44 -14.81
N ASP B 403 -9.43 -52.40 -14.46
CA ASP B 403 -9.96 -53.39 -15.41
C ASP B 403 -8.82 -54.16 -16.08
N GLY B 404 -7.80 -54.51 -15.31
CA GLY B 404 -6.70 -55.32 -15.80
C GLY B 404 -5.57 -54.56 -16.47
N HIS B 405 -5.70 -53.25 -16.66
CA HIS B 405 -4.69 -52.44 -17.34
C HIS B 405 -4.48 -51.15 -16.58
N ASP B 406 -3.34 -50.52 -16.85
CA ASP B 406 -2.97 -49.28 -16.18
C ASP B 406 -3.80 -48.10 -16.71
N LEU B 407 -3.90 -47.06 -15.89
CA LEU B 407 -4.67 -45.89 -16.26
C LEU B 407 -4.02 -45.12 -17.42
N ARG B 408 -2.69 -45.14 -17.50
CA ARG B 408 -1.99 -44.38 -18.53
C ARG B 408 -2.38 -44.83 -19.93
N GLU B 409 -2.65 -46.12 -20.10
CA GLU B 409 -3.01 -46.62 -21.43
C GLU B 409 -4.32 -46.02 -21.92
N TYR B 410 -5.33 -45.97 -21.06
CA TYR B 410 -6.65 -45.52 -21.48
C TYR B 410 -6.65 -44.02 -21.78
N THR B 411 -7.52 -43.62 -22.70
CA THR B 411 -7.71 -42.22 -23.00
C THR B 411 -8.28 -41.50 -21.78
N LEU B 412 -7.87 -40.25 -21.59
CA LEU B 412 -8.35 -39.49 -20.44
C LEU B 412 -9.85 -39.26 -20.51
N ALA B 413 -10.38 -38.99 -21.71
CA ALA B 413 -11.82 -38.80 -21.84
C ALA B 413 -12.59 -40.08 -21.50
N SER B 414 -12.07 -41.23 -21.92
CA SER B 414 -12.74 -42.50 -21.68
C SER B 414 -12.55 -43.02 -20.25
N LEU B 415 -11.64 -42.44 -19.48
CA LEU B 415 -11.44 -42.83 -18.09
C LEU B 415 -12.33 -42.03 -17.15
N ARG B 416 -12.30 -40.70 -17.27
CA ARG B 416 -13.01 -39.84 -16.33
C ARG B 416 -14.52 -40.02 -16.41
N ASN B 417 -15.07 -40.40 -17.56
CA ASN B 417 -16.49 -40.65 -17.66
C ASN B 417 -16.93 -41.93 -16.96
N GLN B 418 -15.98 -42.80 -16.59
CA GLN B 418 -16.29 -44.04 -15.90
C GLN B 418 -16.41 -43.88 -14.39
N VAL B 419 -16.21 -42.68 -13.85
CA VAL B 419 -16.22 -42.43 -12.42
C VAL B 419 -17.12 -41.23 -12.13
N ALA B 420 -17.73 -41.24 -10.95
CA ALA B 420 -18.61 -40.15 -10.51
C ALA B 420 -18.24 -39.78 -9.09
N LEU B 421 -17.91 -38.51 -8.87
CA LEU B 421 -17.51 -38.00 -7.56
C LEU B 421 -18.74 -37.41 -6.88
N VAL B 422 -19.36 -38.22 -6.01
CA VAL B 422 -20.47 -37.76 -5.19
C VAL B 422 -19.92 -37.19 -3.90
N SER B 423 -20.30 -35.96 -3.57
CA SER B 423 -19.71 -35.25 -2.43
C SER B 423 -20.71 -34.25 -1.89
N GLN B 424 -20.46 -33.81 -0.66
CA GLN B 424 -21.28 -32.77 -0.06
C GLN B 424 -21.13 -31.45 -0.82
N ASN B 425 -19.92 -31.13 -1.25
CA ASN B 425 -19.63 -29.90 -1.96
C ASN B 425 -19.60 -30.22 -3.45
N VAL B 426 -20.69 -29.90 -4.14
CA VAL B 426 -20.86 -30.18 -5.55
C VAL B 426 -21.19 -28.88 -6.27
N HIS B 427 -20.49 -28.63 -7.36
CA HIS B 427 -20.74 -27.45 -8.18
C HIS B 427 -21.96 -27.68 -9.07
N LEU B 428 -22.79 -26.65 -9.18
CA LEU B 428 -23.99 -26.68 -10.01
C LEU B 428 -23.92 -25.52 -11.00
N PHE B 429 -24.13 -25.82 -12.27
CA PHE B 429 -24.00 -24.81 -13.31
C PHE B 429 -25.23 -23.90 -13.34
N ASN B 430 -25.04 -22.70 -13.90
CA ASN B 430 -26.11 -21.70 -13.96
C ASN B 430 -27.02 -21.99 -15.15
N ASP B 431 -27.71 -23.12 -15.06
CA ASP B 431 -28.68 -23.54 -16.07
C ASP B 431 -29.93 -24.08 -15.39
N THR B 432 -30.94 -24.42 -16.19
CA THR B 432 -32.13 -25.05 -15.63
C THR B 432 -31.79 -26.45 -15.12
N VAL B 433 -32.57 -26.94 -14.15
CA VAL B 433 -32.22 -28.25 -13.53
C VAL B 433 -32.13 -29.35 -14.59
N ALA B 434 -32.67 -29.11 -15.79
CA ALA B 434 -32.69 -30.17 -16.84
C ALA B 434 -31.27 -30.58 -17.23
N ASN B 435 -30.35 -29.61 -17.38
CA ASN B 435 -28.97 -29.92 -17.83
C ASN B 435 -28.14 -30.36 -16.62
N ASN B 436 -28.26 -29.68 -15.49
CA ASN B 436 -27.54 -30.01 -14.28
C ASN B 436 -27.74 -31.45 -13.85
N ILE B 437 -28.83 -32.09 -14.28
CA ILE B 437 -29.02 -33.52 -14.06
C ILE B 437 -28.39 -34.34 -15.17
N ALA B 438 -28.31 -33.81 -16.39
CA ALA B 438 -27.77 -34.51 -17.56
C ALA B 438 -26.72 -33.64 -18.25
N TYR B 439 -25.76 -33.15 -17.48
CA TYR B 439 -24.75 -32.24 -18.00
C TYR B 439 -23.90 -32.91 -19.08
N ALA B 440 -23.70 -32.19 -20.19
CA ALA B 440 -22.86 -32.57 -21.31
C ALA B 440 -23.40 -33.75 -22.11
N ARG B 441 -24.59 -34.25 -21.80
CA ARG B 441 -25.21 -35.35 -22.54
C ARG B 441 -26.71 -35.12 -22.67
N THR B 442 -27.10 -33.87 -22.93
CA THR B 442 -28.52 -33.59 -23.11
C THR B 442 -29.07 -34.12 -24.42
N GLU B 443 -28.20 -34.51 -25.35
CA GLU B 443 -28.67 -35.06 -26.63
C GLU B 443 -29.18 -36.49 -26.46
N GLN B 444 -28.32 -37.39 -25.96
CA GLN B 444 -28.71 -38.79 -25.85
C GLN B 444 -29.83 -38.98 -24.83
N TYR B 445 -29.75 -38.29 -23.70
CA TYR B 445 -30.66 -38.51 -22.59
C TYR B 445 -31.95 -37.73 -22.80
N SER B 446 -33.09 -38.41 -22.60
CA SER B 446 -34.40 -37.81 -22.81
C SER B 446 -34.93 -37.21 -21.51
N ARG B 447 -36.00 -36.42 -21.65
CA ARG B 447 -36.60 -35.78 -20.49
C ARG B 447 -37.29 -36.81 -19.58
N GLU B 448 -37.89 -37.84 -20.17
CA GLU B 448 -38.51 -38.89 -19.37
C GLU B 448 -37.47 -39.62 -18.52
N GLN B 449 -36.30 -39.88 -19.10
CA GLN B 449 -35.22 -40.50 -18.32
C GLN B 449 -34.77 -39.59 -17.18
N ILE B 450 -34.72 -38.28 -17.42
CA ILE B 450 -34.34 -37.35 -16.36
C ILE B 450 -35.37 -37.38 -15.23
N GLU B 451 -36.65 -37.39 -15.59
CA GLU B 451 -37.70 -37.47 -14.57
C GLU B 451 -37.62 -38.78 -13.79
N GLU B 452 -37.36 -39.89 -14.49
CA GLU B 452 -37.23 -41.18 -13.82
C GLU B 452 -36.05 -41.17 -12.86
N ALA B 453 -34.92 -40.61 -13.28
CA ALA B 453 -33.75 -40.54 -12.40
C ALA B 453 -34.03 -39.67 -11.18
N ALA B 454 -34.70 -38.53 -11.38
CA ALA B 454 -35.04 -37.68 -10.25
C ALA B 454 -35.97 -38.39 -9.29
N ARG B 455 -36.95 -39.14 -9.82
CA ARG B 455 -37.86 -39.88 -8.97
C ARG B 455 -37.12 -40.96 -8.18
N MET B 456 -36.19 -41.66 -8.84
CA MET B 456 -35.44 -42.71 -8.17
C MET B 456 -34.55 -42.15 -7.07
N ALA B 457 -34.01 -40.95 -7.27
CA ALA B 457 -33.19 -40.31 -6.25
C ALA B 457 -34.01 -39.68 -5.13
N TYR B 458 -35.34 -39.68 -5.24
CA TYR B 458 -36.23 -39.05 -4.26
C TYR B 458 -35.92 -37.57 -4.12
N ALA B 459 -35.49 -36.94 -5.22
CA ALA B 459 -35.40 -35.50 -5.33
C ALA B 459 -36.63 -34.89 -6.00
N MET B 460 -37.61 -35.71 -6.37
CA MET B 460 -38.76 -35.23 -7.11
C MET B 460 -39.60 -34.23 -6.31
N ASP B 461 -39.55 -34.29 -4.98
CA ASP B 461 -40.33 -33.38 -4.15
C ASP B 461 -39.87 -31.94 -4.36
N PHE B 462 -38.57 -31.71 -4.34
CA PHE B 462 -38.06 -30.34 -4.46
C PHE B 462 -38.20 -29.81 -5.88
N ILE B 463 -37.98 -30.67 -6.88
CA ILE B 463 -38.08 -30.22 -8.27
C ILE B 463 -39.51 -29.82 -8.60
N ASN B 464 -40.49 -30.58 -8.11
CA ASN B 464 -41.89 -30.19 -8.30
C ASN B 464 -42.20 -28.90 -7.56
N LYS B 465 -41.51 -28.66 -6.43
CA LYS B 465 -41.72 -27.42 -5.68
C LYS B 465 -41.25 -26.21 -6.46
N MET B 466 -40.38 -26.39 -7.47
CA MET B 466 -39.95 -25.28 -8.29
C MET B 466 -41.10 -24.78 -9.17
N ASP B 467 -40.97 -23.54 -9.65
CA ASP B 467 -42.08 -22.90 -10.33
C ASP B 467 -42.43 -23.62 -11.64
N ASN B 468 -41.43 -23.83 -12.50
CA ASN B 468 -41.62 -24.45 -13.79
C ASN B 468 -41.23 -25.93 -13.81
N GLY B 469 -40.82 -26.49 -12.68
CA GLY B 469 -40.43 -27.88 -12.63
C GLY B 469 -39.01 -28.12 -13.07
N LEU B 470 -38.83 -28.66 -14.27
CA LEU B 470 -37.51 -29.00 -14.80
C LEU B 470 -37.03 -27.93 -15.78
N ASP B 471 -37.35 -26.66 -15.51
CA ASP B 471 -36.93 -25.56 -16.36
C ASP B 471 -36.50 -24.33 -15.57
N THR B 472 -36.28 -24.46 -14.26
CA THR B 472 -35.91 -23.32 -13.42
C THR B 472 -34.40 -23.29 -13.23
N VAL B 473 -33.80 -22.12 -13.49
CA VAL B 473 -32.36 -21.91 -13.28
C VAL B 473 -32.00 -22.27 -11.85
N ILE B 474 -31.07 -23.21 -11.70
CA ILE B 474 -30.83 -23.87 -10.42
C ILE B 474 -29.50 -23.47 -9.79
N GLY B 475 -28.62 -22.80 -10.55
CA GLY B 475 -27.34 -22.38 -10.05
C GLY B 475 -27.38 -21.01 -9.40
N GLU B 476 -26.19 -20.43 -9.24
CA GLU B 476 -26.10 -19.09 -8.67
C GLU B 476 -26.78 -18.09 -9.59
N ASN B 477 -27.28 -17.01 -9.01
CA ASN B 477 -28.10 -16.04 -9.72
C ASN B 477 -29.36 -16.70 -10.29
N GLY B 478 -29.97 -17.56 -9.48
CA GLY B 478 -31.17 -18.26 -9.88
C GLY B 478 -32.02 -18.63 -8.68
N VAL B 479 -32.60 -19.83 -8.75
CA VAL B 479 -33.48 -20.28 -7.69
C VAL B 479 -32.69 -20.53 -6.41
N LEU B 480 -31.47 -21.05 -6.53
CA LEU B 480 -30.58 -21.33 -5.40
C LEU B 480 -31.13 -22.47 -4.54
N LEU B 481 -30.25 -23.14 -3.79
CA LEU B 481 -30.63 -24.34 -3.06
C LEU B 481 -29.79 -24.47 -1.79
N SER B 482 -30.28 -25.31 -0.90
CA SER B 482 -29.54 -25.69 0.31
C SER B 482 -28.59 -26.84 0.00
N GLY B 483 -27.65 -27.09 0.91
CA GLY B 483 -26.61 -28.08 0.66
C GLY B 483 -27.17 -29.48 0.45
N GLY B 484 -28.21 -29.84 1.21
CA GLY B 484 -28.82 -31.15 1.05
C GLY B 484 -29.41 -31.36 -0.33
N GLN B 485 -30.08 -30.34 -0.87
CA GLN B 485 -30.64 -30.46 -2.21
C GLN B 485 -29.55 -30.58 -3.26
N ARG B 486 -28.44 -29.85 -3.08
CA ARG B 486 -27.32 -29.98 -4.00
C ARG B 486 -26.74 -31.38 -3.97
N GLN B 487 -26.60 -31.95 -2.76
CA GLN B 487 -26.10 -33.32 -2.65
C GLN B 487 -27.07 -34.30 -3.31
N ARG B 488 -28.37 -34.10 -3.11
CA ARG B 488 -29.33 -35.00 -3.74
C ARG B 488 -29.31 -34.88 -5.25
N ILE B 489 -29.11 -33.68 -5.78
CA ILE B 489 -28.98 -33.52 -7.22
C ILE B 489 -27.72 -34.20 -7.73
N ALA B 490 -26.64 -34.17 -6.94
CA ALA B 490 -25.43 -34.90 -7.30
C ALA B 490 -25.72 -36.39 -7.37
N ILE B 491 -26.46 -36.92 -6.39
CA ILE B 491 -26.83 -38.33 -6.43
C ILE B 491 -27.67 -38.61 -7.66
N ALA B 492 -28.58 -37.70 -8.00
CA ALA B 492 -29.46 -37.91 -9.15
C ALA B 492 -28.66 -37.98 -10.45
N ARG B 493 -27.74 -37.04 -10.64
CA ARG B 493 -26.97 -37.05 -11.89
C ARG B 493 -26.01 -38.24 -11.94
N ALA B 494 -25.46 -38.64 -10.79
CA ALA B 494 -24.62 -39.83 -10.76
C ALA B 494 -25.43 -41.06 -11.14
N LEU B 495 -26.66 -41.16 -10.64
CA LEU B 495 -27.52 -42.29 -11.01
C LEU B 495 -27.85 -42.25 -12.50
N LEU B 496 -28.15 -41.07 -13.04
CA LEU B 496 -28.54 -40.98 -14.44
C LEU B 496 -27.39 -41.34 -15.37
N ARG B 497 -26.18 -40.85 -15.08
CA ARG B 497 -25.05 -41.15 -15.95
C ARG B 497 -24.72 -42.64 -15.94
N ASP B 498 -24.94 -43.32 -14.82
CA ASP B 498 -24.77 -44.77 -14.72
C ASP B 498 -23.31 -45.17 -14.99
N SER B 499 -22.40 -44.36 -14.48
CA SER B 499 -20.98 -44.69 -14.58
C SER B 499 -20.66 -45.82 -13.63
N PRO B 500 -20.00 -46.93 -14.08
CA PRO B 500 -19.84 -48.08 -13.18
C PRO B 500 -18.64 -47.99 -12.25
N ILE B 501 -18.42 -46.81 -11.65
CA ILE B 501 -17.50 -46.64 -10.53
C ILE B 501 -18.12 -45.56 -9.65
N LEU B 502 -17.87 -45.65 -8.35
CA LEU B 502 -18.46 -44.72 -7.39
C LEU B 502 -17.44 -44.38 -6.32
N ILE B 503 -17.35 -43.10 -5.98
CA ILE B 503 -16.42 -42.59 -4.98
C ILE B 503 -17.21 -41.62 -4.10
N LEU B 504 -17.62 -42.07 -2.93
CA LEU B 504 -18.33 -41.21 -1.99
C LEU B 504 -17.33 -40.44 -1.13
N ASP B 505 -17.56 -39.14 -1.01
CA ASP B 505 -16.84 -38.31 -0.04
C ASP B 505 -17.45 -38.48 1.35
N GLU B 506 -18.75 -38.17 1.48
CA GLU B 506 -19.53 -38.40 2.69
C GLU B 506 -18.88 -37.76 3.91
N ALA B 507 -18.37 -36.53 3.73
CA ALA B 507 -17.90 -35.71 4.83
C ALA B 507 -18.98 -34.79 5.38
N THR B 508 -20.25 -35.17 5.22
CA THR B 508 -21.37 -34.33 5.62
C THR B 508 -21.42 -34.13 7.13
N SER B 509 -21.55 -35.23 7.87
CA SER B 509 -21.80 -35.21 9.30
C SER B 509 -23.08 -34.46 9.66
N ALA B 510 -24.04 -34.40 8.74
CA ALA B 510 -25.28 -33.70 8.98
C ALA B 510 -26.22 -34.54 9.85
N LEU B 511 -27.12 -33.87 10.56
CA LEU B 511 -28.10 -34.51 11.42
C LEU B 511 -29.50 -33.93 11.22
N ASP B 512 -29.78 -33.35 10.06
CA ASP B 512 -31.06 -32.73 9.77
C ASP B 512 -32.04 -33.83 9.37
N THR B 513 -32.90 -34.22 10.30
CA THR B 513 -33.89 -35.25 10.01
C THR B 513 -34.89 -34.74 8.99
N GLU B 514 -35.41 -35.66 8.17
CA GLU B 514 -36.30 -35.48 7.03
C GLU B 514 -35.54 -35.02 5.78
N SER B 515 -34.27 -34.65 5.87
CA SER B 515 -33.42 -34.38 4.71
C SER B 515 -32.31 -35.40 4.69
N GLU B 516 -31.66 -35.61 5.84
CA GLU B 516 -30.63 -36.62 5.95
C GLU B 516 -31.22 -38.02 5.74
N ARG B 517 -32.48 -38.21 6.15
CA ARG B 517 -33.16 -39.47 5.88
C ARG B 517 -33.22 -39.76 4.39
N ALA B 518 -33.70 -38.79 3.61
CA ALA B 518 -33.79 -38.98 2.16
C ALA B 518 -32.41 -39.13 1.54
N ILE B 519 -31.43 -38.35 2.01
CA ILE B 519 -30.07 -38.45 1.46
C ILE B 519 -29.50 -39.84 1.70
N GLN B 520 -29.66 -40.35 2.92
CA GLN B 520 -29.13 -41.68 3.24
C GLN B 520 -29.84 -42.76 2.45
N ALA B 521 -31.17 -42.65 2.31
CA ALA B 521 -31.90 -43.64 1.53
C ALA B 521 -31.44 -43.63 0.07
N ALA B 522 -31.27 -42.45 -0.51
CA ALA B 522 -30.82 -42.37 -1.90
C ALA B 522 -29.40 -42.91 -2.05
N LEU B 523 -28.52 -42.60 -1.09
CA LEU B 523 -27.16 -43.12 -1.15
C LEU B 523 -27.15 -44.64 -1.06
N ASP B 524 -27.96 -45.20 -0.17
CA ASP B 524 -28.03 -46.66 -0.04
C ASP B 524 -28.58 -47.29 -1.30
N GLU B 525 -29.56 -46.64 -1.93
CA GLU B 525 -30.07 -47.15 -3.21
C GLU B 525 -28.99 -47.10 -4.29
N LEU B 526 -28.15 -46.06 -4.26
CA LEU B 526 -27.11 -45.92 -5.27
C LEU B 526 -26.06 -47.03 -5.16
N GLN B 527 -25.75 -47.49 -3.96
CA GLN B 527 -24.70 -48.47 -3.74
C GLN B 527 -25.19 -49.90 -3.86
N LYS B 528 -25.88 -50.21 -4.97
CA LYS B 528 -26.28 -51.58 -5.28
C LYS B 528 -25.25 -52.21 -6.22
N ASN B 529 -25.08 -51.63 -7.41
CA ASN B 529 -23.95 -51.86 -8.29
C ASN B 529 -22.92 -50.78 -7.99
N ARG B 530 -21.98 -50.54 -8.91
CA ARG B 530 -21.07 -49.41 -8.78
C ARG B 530 -20.17 -49.52 -7.55
N THR B 531 -19.17 -50.41 -7.63
CA THR B 531 -18.10 -50.56 -6.66
C THR B 531 -17.70 -49.23 -6.02
N SER B 532 -17.68 -49.18 -4.69
CA SER B 532 -17.63 -47.94 -3.95
C SER B 532 -16.29 -47.77 -3.24
N LEU B 533 -15.73 -46.57 -3.37
CA LEU B 533 -14.60 -46.12 -2.55
C LEU B 533 -15.15 -44.98 -1.72
N VAL B 534 -15.59 -45.29 -0.51
CA VAL B 534 -16.38 -44.37 0.32
C VAL B 534 -15.45 -43.82 1.39
N ILE B 535 -15.08 -42.55 1.25
CA ILE B 535 -14.42 -41.85 2.35
C ILE B 535 -15.41 -41.74 3.49
N ALA B 536 -14.97 -42.10 4.70
CA ALA B 536 -15.85 -42.34 5.83
C ALA B 536 -15.65 -41.30 6.91
N HIS B 537 -16.74 -40.68 7.34
CA HIS B 537 -16.81 -39.87 8.55
C HIS B 537 -17.95 -40.29 9.46
N ARG B 538 -19.06 -40.75 8.90
CA ARG B 538 -20.19 -41.25 9.67
C ARG B 538 -20.10 -42.77 9.81
N LEU B 539 -20.36 -43.25 11.03
CA LEU B 539 -20.06 -44.63 11.38
C LEU B 539 -21.07 -45.62 10.78
N SER B 540 -22.25 -45.15 10.38
CA SER B 540 -23.27 -46.07 9.87
C SER B 540 -22.81 -46.77 8.61
N THR B 541 -22.24 -46.02 7.66
CA THR B 541 -21.69 -46.66 6.46
C THR B 541 -20.47 -47.52 6.79
N ILE B 542 -19.73 -47.15 7.83
CA ILE B 542 -18.57 -47.95 8.23
C ILE B 542 -19.00 -49.33 8.71
N GLU B 543 -20.13 -49.40 9.42
CA GLU B 543 -20.64 -50.68 9.87
C GLU B 543 -20.95 -51.60 8.69
N LYS B 544 -21.90 -51.20 7.84
CA LYS B 544 -22.32 -52.02 6.71
C LYS B 544 -21.35 -51.81 5.55
N ALA B 545 -20.49 -52.80 5.33
CA ALA B 545 -19.51 -52.77 4.24
C ALA B 545 -18.85 -54.13 4.19
N ASP B 546 -18.03 -54.33 3.14
CA ASP B 546 -17.31 -55.59 2.95
C ASP B 546 -15.96 -55.57 3.68
N GLU B 547 -15.11 -54.61 3.35
CA GLU B 547 -13.77 -54.49 3.92
C GLU B 547 -13.53 -53.06 4.35
N ILE B 548 -12.74 -52.89 5.41
CA ILE B 548 -12.37 -51.60 5.95
C ILE B 548 -10.85 -51.50 5.96
N VAL B 549 -10.33 -50.34 5.59
CA VAL B 549 -8.89 -50.09 5.53
C VAL B 549 -8.61 -48.75 6.21
N VAL B 550 -7.54 -48.72 7.00
CA VAL B 550 -7.12 -47.53 7.74
C VAL B 550 -5.81 -47.05 7.14
N VAL B 551 -5.75 -45.75 6.85
CA VAL B 551 -4.56 -45.12 6.28
C VAL B 551 -4.24 -43.89 7.12
N GLU B 552 -2.98 -43.77 7.54
CA GLU B 552 -2.50 -42.61 8.28
C GLU B 552 -1.08 -42.31 7.84
N ASP B 553 -0.86 -41.13 7.28
CA ASP B 553 0.44 -40.73 6.74
C ASP B 553 0.90 -41.71 5.66
N GLY B 554 -0.05 -42.19 4.85
CA GLY B 554 0.29 -43.12 3.80
C GLY B 554 0.70 -44.48 4.27
N VAL B 555 0.24 -44.90 5.44
CA VAL B 555 0.63 -46.17 6.06
C VAL B 555 -0.63 -47.00 6.24
N ILE B 556 -0.88 -47.94 5.32
CA ILE B 556 -1.92 -48.94 5.53
C ILE B 556 -1.49 -49.79 6.72
N VAL B 557 -2.21 -49.67 7.84
CA VAL B 557 -1.82 -50.27 9.10
C VAL B 557 -2.80 -51.36 9.54
N GLU B 558 -4.09 -51.17 9.30
CA GLU B 558 -5.13 -52.11 9.70
C GLU B 558 -6.09 -52.35 8.55
N ARG B 559 -6.36 -53.62 8.26
CA ARG B 559 -7.27 -54.02 7.19
C ARG B 559 -8.12 -55.17 7.68
N GLY B 560 -9.44 -55.04 7.57
CA GLY B 560 -10.34 -56.10 8.00
C GLY B 560 -11.76 -55.62 8.05
N THR B 561 -12.64 -56.54 8.43
CA THR B 561 -14.05 -56.21 8.57
C THR B 561 -14.30 -55.42 9.85
N HIS B 562 -15.55 -54.99 10.03
CA HIS B 562 -15.89 -54.18 11.19
C HIS B 562 -15.71 -54.97 12.49
N ASN B 563 -15.94 -56.28 12.44
CA ASN B 563 -15.81 -57.11 13.64
C ASN B 563 -14.44 -57.73 13.77
N ASP B 564 -13.86 -58.21 12.66
CA ASP B 564 -12.55 -58.85 12.72
C ASP B 564 -11.47 -57.84 13.08
N LEU B 565 -11.65 -56.57 12.69
CA LEU B 565 -10.66 -55.54 12.96
C LEU B 565 -10.84 -54.89 14.33
N LEU B 566 -11.89 -55.23 15.07
CA LEU B 566 -12.12 -54.64 16.38
C LEU B 566 -11.47 -55.44 17.50
N GLU B 567 -11.43 -56.77 17.39
CA GLU B 567 -10.76 -57.58 18.41
C GLU B 567 -9.29 -57.23 18.52
N HIS B 568 -8.65 -56.90 17.41
CA HIS B 568 -7.32 -56.29 17.42
C HIS B 568 -7.51 -54.79 17.57
N ARG B 569 -6.89 -54.22 18.61
CA ARG B 569 -7.10 -52.81 18.91
C ARG B 569 -6.62 -51.92 17.77
N GLY B 570 -5.30 -51.79 17.62
CA GLY B 570 -4.73 -50.95 16.59
C GLY B 570 -5.27 -49.54 16.59
N VAL B 571 -6.08 -49.22 15.59
CA VAL B 571 -6.79 -47.94 15.53
C VAL B 571 -8.27 -48.08 15.21
N TYR B 572 -8.73 -49.20 14.64
CA TYR B 572 -10.16 -49.34 14.39
C TYR B 572 -10.94 -49.43 15.69
N ALA B 573 -10.37 -50.07 16.71
CA ALA B 573 -10.97 -50.00 18.03
C ALA B 573 -10.96 -48.58 18.56
N GLN B 574 -9.92 -47.82 18.25
CA GLN B 574 -9.86 -46.41 18.61
C GLN B 574 -10.78 -45.56 17.76
N LEU B 575 -11.10 -46.00 16.54
CA LEU B 575 -12.00 -45.24 15.68
C LEU B 575 -13.36 -45.07 16.33
N HIS B 576 -13.89 -46.14 16.94
CA HIS B 576 -15.13 -46.02 17.70
C HIS B 576 -14.95 -45.07 18.89
N LYS B 577 -13.78 -45.12 19.52
CA LYS B 577 -13.52 -44.24 20.66
C LYS B 577 -13.50 -42.77 20.26
N MET B 578 -13.17 -42.46 19.01
CA MET B 578 -13.22 -41.07 18.55
C MET B 578 -14.65 -40.55 18.61
N GLN B 579 -15.59 -41.30 18.03
CA GLN B 579 -17.00 -40.91 18.13
C GLN B 579 -17.52 -41.11 19.54
N PHE B 580 -17.21 -42.25 20.15
CA PHE B 580 -17.68 -42.59 21.49
C PHE B 580 -16.56 -42.41 22.52
P 3PE C . -0.72 53.98 -23.91
N 3PE C . -4.04 54.54 -24.69
O11 3PE C . -1.78 53.13 -23.05
O12 3PE C . -1.11 55.44 -23.85
O13 3PE C . -0.97 53.48 -25.41
O14 3PE C . 0.66 53.56 -23.50
C11 3PE C . -2.13 53.96 -26.17
C12 3PE C . -3.44 53.50 -25.56
C1 3PE C . -2.17 53.59 -21.73
C2 3PE C . -2.85 52.46 -21.00
C3 3PE C . -1.90 51.43 -20.43
O31 3PE C . -1.37 51.94 -19.19
O32 3PE C . 0.09 50.25 -19.11
C31 3PE C . -0.46 51.19 -18.58
C32 3PE C . -0.23 51.63 -17.17
C33 3PE C . -0.40 50.54 -16.16
C34 3PE C . -1.82 50.01 -16.09
C35 3PE C . -2.01 48.91 -15.07
C36 3PE C . -3.44 48.41 -14.94
C37 3PE C . -3.60 47.22 -14.02
C38 3PE C . -3.13 47.44 -12.60
C39 3PE C . -3.37 46.27 -11.68
C3A 3PE C . -2.82 46.49 -10.30
C3B 3PE C . -3.15 45.40 -9.31
C3C 3PE C . -2.68 45.68 -7.91
C3D 3PE C . -3.19 44.71 -6.86
C3E 3PE C . -2.85 45.12 -5.45
C3F 3PE C . -3.52 44.30 -4.38
C3G 3PE C . -3.30 44.82 -2.98
C3H 3PE C . -3.94 44.02 -1.88
C3I 3PE C . -5.45 44.00 -1.91
O21 3PE C . -3.63 53.01 -19.90
O22 3PE C . -5.23 54.55 -20.13
C21 3PE C . -4.90 53.39 -20.13
C22 3PE C . -5.83 52.23 -20.31
C23 3PE C . -6.50 52.19 -21.66
C24 3PE C . -7.61 53.24 -21.80
C25 3PE C . -8.86 52.93 -21.01
C26 3PE C . -10.01 53.89 -21.28
C27 3PE C . -11.30 53.51 -20.58
C28 3PE C . -11.27 53.63 -19.08
C29 3PE C . -12.52 53.14 -18.40
C2A 3PE C . -12.47 53.20 -16.90
C2B 3PE C . -13.60 52.48 -16.21
C2C 3PE C . -13.50 52.44 -14.70
C2D 3PE C . -14.38 51.41 -14.04
C2E 3PE C . -15.86 51.69 -14.13
C2F 3PE C . -16.74 50.51 -13.82
C2G 3PE C . -16.53 49.89 -12.45
C2H 3PE C . -17.47 48.75 -12.14
C2I 3PE C . -17.21 48.10 -10.81
P 3PE D . -9.62 32.63 -43.48
N 3PE D . -10.86 36.35 -45.38
O11 3PE D . -8.39 32.09 -44.35
O12 3PE D . -10.56 31.48 -43.21
O13 3PE D . -10.34 33.65 -44.49
O14 3PE D . -9.06 33.42 -42.34
C11 3PE D . -11.52 34.38 -44.04
C12 3PE D . -11.93 35.36 -45.10
C1 3PE D . -7.39 31.24 -43.74
C2 3PE D . -6.30 30.93 -44.74
C3 3PE D . -5.89 32.14 -45.55
O31 3PE D . -5.60 33.21 -44.63
O32 3PE D . -5.49 35.31 -45.40
C31 3PE D . -4.95 34.27 -45.12
C32 3PE D . -3.48 34.01 -45.24
C33 3PE D . -2.65 35.25 -45.32
C34 3PE D . -1.20 34.98 -44.96
C35 3PE D . -0.27 36.14 -45.21
C36 3PE D . 1.05 36.04 -44.48
C37 3PE D . 2.19 36.80 -45.11
C38 3PE D . 2.78 36.14 -46.34
C39 3PE D . 3.59 34.89 -46.05
C3A 3PE D . 4.18 34.23 -47.27
C3B 3PE D . 4.91 32.94 -46.98
C3C 3PE D . 5.41 32.23 -48.21
C3D 3PE D . 5.98 30.85 -47.95
C3E 3PE D . 7.27 30.86 -47.15
C3F 3PE D . 7.81 29.48 -46.85
C3G 3PE D . 9.11 29.47 -46.11
C3H 3PE D . 9.62 28.10 -45.74
C3I 3PE D . 10.96 28.11 -45.04
O21 3PE D . -5.11 30.46 -44.07
O22 3PE D . -6.10 28.58 -43.35
C21 3PE D . -5.14 29.31 -43.38
C22 3PE D . -3.83 29.06 -42.67
C23 3PE D . -3.87 27.90 -41.73
C24 3PE D . -3.82 26.55 -42.43
C25 3PE D . -3.76 25.38 -41.48
C26 3PE D . -3.65 24.04 -42.16
C27 3PE D . -3.56 22.88 -41.19
C28 3PE D . -3.43 21.53 -41.84
C29 3PE D . -3.30 20.40 -40.85
C2A 3PE D . -3.08 19.04 -41.46
C2B 3PE D . -2.88 17.95 -40.45
C2C 3PE D . -2.72 16.56 -41.02
C2D 3PE D . -1.50 16.37 -41.89
C2E 3PE D . -1.12 14.92 -42.12
C2F 3PE D . -0.42 14.28 -40.93
C2G 3PE D . -0.23 12.79 -41.06
C2H 3PE D . 0.47 12.18 -39.86
C2I 3PE D . 0.51 10.67 -39.89
#